data_6OV6
#
_entry.id   6OV6
#
_cell.length_a   63.130
_cell.length_b   65.250
_cell.length_c   239.530
_cell.angle_alpha   90.00
_cell.angle_beta   90.00
_cell.angle_gamma   90.00
#
_symmetry.space_group_name_H-M   'P 21 21 21'
#
loop_
_entity.id
_entity.type
_entity.pdbx_description
1 polymer 'C24 PROTEIN'
2 non-polymer 'MANGANESE (II) ION'
3 water water
#
_entity_poly.entity_id   1
_entity_poly.type   'polypeptide(L)'
_entity_poly.pdbx_seq_one_letter_code
;MNKQNFLQTGGFPLETDTLNAMQEAYSVFNALGELAGNKAIIKGCVVSGSTTTDGVVYINGEVFKFVGGQTQSRVKILET
STSKEFEDGSTNAVHFERYVTFASGTGSISWAEFAKLTTLRELSRRLLPAGTNPQLYSGSVNNIPSGWQLCDGTNGTENL
KGSFIVGYDPNDSDYNAIGKVGGTKKVTPSGNLDSRSINVTVPRDGWSTFGSGLGAVKSGRIVVGSGQQENSEYLESLRA
SGIDRTLTSTPHSHTFTGNQQDNRAPYYTLAYIIYIG
;
_entity_poly.pdbx_strand_id   A,B,C
#
# COMPACT_ATOMS: atom_id res chain seq x y z
N THR A 18 -9.54 -61.46 26.01
CA THR A 18 -10.29 -60.39 25.35
C THR A 18 -10.18 -59.04 26.07
N LEU A 19 -9.91 -59.02 27.40
CA LEU A 19 -9.70 -57.76 28.13
C LEU A 19 -8.36 -57.10 27.70
N ASN A 20 -7.39 -57.93 27.20
CA ASN A 20 -6.09 -57.53 26.63
C ASN A 20 -6.37 -56.72 25.35
N ALA A 21 -7.23 -57.28 24.46
CA ALA A 21 -7.66 -56.66 23.20
C ALA A 21 -8.48 -55.40 23.50
N MET A 22 -9.24 -55.38 24.60
CA MET A 22 -10.04 -54.25 25.04
C MET A 22 -9.16 -53.06 25.47
N GLN A 23 -8.12 -53.33 26.28
CA GLN A 23 -7.20 -52.33 26.82
C GLN A 23 -6.39 -51.77 25.68
N GLU A 24 -5.88 -52.66 24.82
CA GLU A 24 -5.08 -52.31 23.65
C GLU A 24 -5.89 -51.44 22.72
N ALA A 25 -7.22 -51.71 22.66
CA ALA A 25 -8.17 -50.96 21.85
C ALA A 25 -8.29 -49.54 22.36
N TYR A 26 -8.72 -49.34 23.63
CA TYR A 26 -8.86 -47.97 24.14
C TYR A 26 -7.53 -47.22 24.34
N SER A 27 -6.39 -47.97 24.57
CA SER A 27 -5.12 -47.29 24.80
C SER A 27 -4.68 -46.44 23.61
N VAL A 28 -5.12 -46.81 22.38
CA VAL A 28 -4.79 -46.04 21.17
C VAL A 28 -5.25 -44.58 21.26
N PHE A 29 -6.33 -44.28 22.06
CA PHE A 29 -6.87 -42.92 22.19
C PHE A 29 -5.92 -41.95 22.84
N ASN A 30 -4.92 -42.45 23.57
CA ASN A 30 -3.89 -41.56 24.15
C ASN A 30 -3.16 -40.85 23.05
N ALA A 31 -2.95 -41.52 21.87
CA ALA A 31 -2.27 -40.91 20.73
C ALA A 31 -2.94 -39.61 20.28
N LEU A 32 -4.24 -39.44 20.54
CA LEU A 32 -5.00 -38.22 20.22
C LEU A 32 -4.43 -36.98 20.91
N GLY A 33 -3.70 -37.17 22.02
CA GLY A 33 -3.01 -36.06 22.68
C GLY A 33 -1.94 -35.44 21.79
N GLU A 34 -1.41 -36.22 20.81
CA GLU A 34 -0.41 -35.71 19.83
C GLU A 34 -1.01 -34.56 19.01
N LEU A 35 -2.33 -34.52 18.83
CA LEU A 35 -3.00 -33.42 18.09
C LEU A 35 -2.72 -32.08 18.80
N ALA A 36 -2.62 -32.13 20.13
CA ALA A 36 -2.33 -30.98 20.98
C ALA A 36 -0.82 -30.74 21.00
N GLY A 37 -0.04 -31.83 21.05
CA GLY A 37 1.40 -31.81 21.12
C GLY A 37 1.84 -32.12 22.52
N ASN A 38 3.10 -32.56 22.68
CA ASN A 38 3.66 -32.93 23.98
C ASN A 38 3.59 -31.78 25.01
N LYS A 39 3.29 -32.13 26.27
CA LYS A 39 3.18 -31.18 27.41
C LYS A 39 2.08 -30.16 27.20
N ALA A 40 0.94 -30.63 26.72
CA ALA A 40 -0.20 -29.77 26.52
C ALA A 40 -1.09 -29.85 27.73
N ILE A 41 -1.72 -28.72 28.03
CA ILE A 41 -2.81 -28.63 28.98
C ILE A 41 -4.03 -28.88 28.08
N ILE A 42 -4.70 -30.01 28.28
CA ILE A 42 -5.84 -30.40 27.48
C ILE A 42 -7.10 -29.67 27.97
N LYS A 43 -7.29 -29.66 29.29
CA LYS A 43 -8.45 -29.07 29.94
C LYS A 43 -8.07 -28.57 31.34
N GLY A 44 -8.71 -27.49 31.79
CA GLY A 44 -8.53 -26.93 33.12
C GLY A 44 -7.15 -26.36 33.36
N CYS A 45 -6.60 -26.60 34.57
CA CYS A 45 -5.28 -26.06 34.98
C CYS A 45 -5.22 -24.55 34.83
N VAL A 46 -6.29 -23.88 35.29
CA VAL A 46 -6.50 -22.43 35.24
C VAL A 46 -5.95 -21.76 36.51
N VAL A 47 -5.14 -20.70 36.32
CA VAL A 47 -4.51 -19.92 37.40
C VAL A 47 -5.52 -19.02 38.10
N SER A 48 -5.55 -19.11 39.44
CA SER A 48 -6.43 -18.30 40.29
C SER A 48 -5.60 -17.86 41.50
N GLY A 49 -4.89 -16.74 41.34
CA GLY A 49 -4.00 -16.20 42.36
C GLY A 49 -2.76 -17.05 42.52
N SER A 50 -2.63 -17.71 43.69
CA SER A 50 -1.54 -18.62 44.05
C SER A 50 -1.87 -20.10 43.72
N THR A 51 -3.12 -20.34 43.27
CA THR A 51 -3.74 -21.63 42.92
C THR A 51 -3.81 -21.93 41.39
N THR A 52 -3.77 -23.23 41.05
CA THR A 52 -3.98 -23.77 39.71
C THR A 52 -5.06 -24.83 39.91
N THR A 53 -6.14 -24.78 39.12
CA THR A 53 -7.22 -25.76 39.20
C THR A 53 -6.75 -27.12 38.69
N ASP A 54 -7.54 -28.13 38.98
CA ASP A 54 -7.36 -29.49 38.49
C ASP A 54 -7.62 -29.45 36.97
N GLY A 55 -7.14 -30.47 36.27
CA GLY A 55 -7.36 -30.51 34.84
C GLY A 55 -6.91 -31.82 34.26
N VAL A 56 -6.53 -31.75 32.97
CA VAL A 56 -6.07 -32.91 32.21
C VAL A 56 -4.89 -32.44 31.36
N VAL A 57 -3.80 -33.23 31.39
CA VAL A 57 -2.58 -32.92 30.65
C VAL A 57 -2.17 -34.09 29.76
N TYR A 58 -1.25 -33.84 28.84
CA TYR A 58 -0.74 -34.87 27.94
C TYR A 58 0.78 -34.82 27.99
N ILE A 59 1.43 -35.93 28.40
CA ILE A 59 2.91 -35.99 28.49
C ILE A 59 3.32 -37.32 27.97
N ASN A 60 4.33 -37.30 27.07
CA ASN A 60 4.97 -38.50 26.52
C ASN A 60 4.02 -39.66 26.22
N GLY A 61 3.04 -39.39 25.36
CA GLY A 61 2.09 -40.38 24.89
C GLY A 61 0.96 -40.76 25.83
N GLU A 62 0.87 -40.10 27.02
CA GLU A 62 -0.22 -40.44 27.95
C GLU A 62 -1.06 -39.23 28.31
N VAL A 63 -2.37 -39.44 28.38
CA VAL A 63 -3.32 -38.43 28.82
C VAL A 63 -3.49 -38.67 30.34
N PHE A 64 -3.29 -37.62 31.15
CA PHE A 64 -3.41 -37.73 32.62
C PHE A 64 -4.34 -36.74 33.22
N LYS A 65 -5.00 -37.15 34.32
CA LYS A 65 -5.72 -36.25 35.20
C LYS A 65 -4.60 -35.43 35.90
N PHE A 66 -4.83 -34.13 36.06
CA PHE A 66 -3.91 -33.22 36.72
C PHE A 66 -4.57 -32.79 38.02
N VAL A 67 -3.82 -32.92 39.12
CA VAL A 67 -4.30 -32.50 40.44
C VAL A 67 -3.62 -31.17 40.76
N GLY A 68 -4.40 -30.10 40.80
CA GLY A 68 -3.90 -28.76 41.09
C GLY A 68 -3.70 -28.51 42.57
N GLY A 69 -3.56 -27.24 42.89
CA GLY A 69 -3.33 -26.74 44.24
C GLY A 69 -2.45 -25.51 44.15
N GLN A 70 -1.57 -25.28 45.15
CA GLN A 70 -0.65 -24.15 45.14
C GLN A 70 0.34 -24.28 43.98
N THR A 71 0.34 -23.29 43.09
CA THR A 71 1.23 -23.27 41.90
C THR A 71 2.66 -23.40 42.32
N GLN A 72 3.37 -24.35 41.69
CA GLN A 72 4.79 -24.64 41.86
C GLN A 72 5.47 -24.57 40.50
N SER A 73 6.81 -24.56 40.48
CA SER A 73 7.56 -24.46 39.24
C SER A 73 7.67 -25.79 38.49
N ARG A 74 7.44 -26.92 39.19
CA ARG A 74 7.56 -28.26 38.60
C ARG A 74 6.38 -29.17 38.85
N VAL A 75 6.18 -30.14 37.94
CA VAL A 75 5.13 -31.15 38.03
C VAL A 75 5.76 -32.51 37.84
N LYS A 76 5.05 -33.55 38.29
CA LYS A 76 5.53 -34.91 38.06
C LYS A 76 4.41 -35.89 37.99
N ILE A 77 4.65 -37.04 37.35
CA ILE A 77 3.69 -38.13 37.32
C ILE A 77 3.85 -38.85 38.67
N LEU A 78 2.78 -38.91 39.48
CA LEU A 78 2.78 -39.63 40.74
C LEU A 78 1.98 -40.92 40.60
N GLU A 79 2.40 -41.94 41.36
CA GLU A 79 1.74 -43.22 41.43
C GLU A 79 1.47 -43.47 42.91
N THR A 80 0.20 -43.31 43.29
CA THR A 80 -0.25 -43.41 44.67
C THR A 80 -1.40 -44.38 44.82
N SER A 81 -1.58 -44.85 46.05
CA SER A 81 -2.62 -45.81 46.39
C SER A 81 -3.99 -45.20 46.20
N THR A 82 -4.93 -46.02 45.65
CA THR A 82 -6.33 -45.62 45.43
C THR A 82 -7.02 -45.35 46.78
N SER A 83 -6.52 -45.98 47.87
CA SER A 83 -6.96 -45.74 49.25
C SER A 83 -6.21 -44.47 49.69
N LYS A 84 -6.96 -43.35 49.79
CA LYS A 84 -6.41 -42.04 50.12
C LYS A 84 -6.27 -41.74 51.63
N GLU A 85 -6.41 -42.79 52.46
CA GLU A 85 -6.29 -42.77 53.93
C GLU A 85 -5.54 -44.02 54.39
N PHE A 86 -4.79 -43.92 55.51
CA PHE A 86 -4.02 -45.03 56.08
C PHE A 86 -4.34 -45.22 57.58
N GLU A 87 -5.51 -45.79 57.86
CA GLU A 87 -5.99 -46.03 59.23
C GLU A 87 -5.44 -47.34 59.80
N ASP A 88 -5.30 -47.39 61.15
CA ASP A 88 -4.77 -48.52 61.92
C ASP A 88 -5.47 -49.86 61.66
N VAL A 94 -3.09 -53.25 47.96
CA VAL A 94 -2.72 -51.92 47.46
C VAL A 94 -2.80 -51.87 45.91
N HIS A 95 -3.64 -50.95 45.43
CA HIS A 95 -3.85 -50.67 44.00
C HIS A 95 -3.47 -49.22 43.77
N PHE A 96 -2.69 -48.96 42.72
CA PHE A 96 -2.21 -47.60 42.44
C PHE A 96 -2.92 -46.93 41.27
N GLU A 97 -2.92 -45.59 41.30
CA GLU A 97 -3.45 -44.72 40.25
C GLU A 97 -2.34 -43.75 39.86
N ARG A 98 -2.28 -43.38 38.58
CA ARG A 98 -1.28 -42.47 38.05
C ARG A 98 -1.92 -41.17 37.64
N TYR A 99 -1.31 -40.06 38.00
CA TYR A 99 -1.82 -38.72 37.70
C TYR A 99 -0.64 -37.78 37.77
N VAL A 100 -0.87 -36.55 37.36
CA VAL A 100 0.17 -35.51 37.39
C VAL A 100 -0.24 -34.48 38.43
N THR A 101 0.76 -33.97 39.18
CA THR A 101 0.57 -32.93 40.19
C THR A 101 1.81 -32.06 40.35
N PHE A 102 1.70 -30.95 41.11
CA PHE A 102 2.87 -30.15 41.43
C PHE A 102 3.73 -30.98 42.36
N ALA A 103 5.01 -31.10 42.01
CA ALA A 103 5.98 -31.90 42.72
C ALA A 103 7.38 -31.52 42.31
N SER A 104 8.39 -32.14 42.89
CA SER A 104 9.77 -31.78 42.58
C SER A 104 10.63 -33.05 42.61
N GLY A 105 11.93 -32.89 42.37
CA GLY A 105 12.87 -34.01 42.37
C GLY A 105 12.96 -34.77 41.06
N THR A 106 13.61 -35.93 41.08
CA THR A 106 13.84 -36.82 39.94
C THR A 106 12.53 -37.12 39.21
N GLY A 107 12.51 -36.85 37.91
CA GLY A 107 11.33 -37.09 37.09
C GLY A 107 10.41 -35.90 36.93
N SER A 108 10.60 -34.84 37.77
CA SER A 108 9.78 -33.64 37.64
C SER A 108 10.14 -32.85 36.37
N ILE A 109 9.16 -32.12 35.85
CA ILE A 109 9.23 -31.35 34.60
C ILE A 109 8.87 -29.93 34.95
N SER A 110 9.55 -28.95 34.34
CA SER A 110 9.23 -27.55 34.51
C SER A 110 7.79 -27.33 34.01
N TRP A 111 6.93 -26.78 34.88
CA TRP A 111 5.53 -26.49 34.55
C TRP A 111 5.39 -25.45 33.44
N ALA A 112 6.36 -24.53 33.29
CA ALA A 112 6.37 -23.49 32.25
C ALA A 112 6.44 -24.09 30.82
N GLU A 113 6.87 -25.36 30.72
CA GLU A 113 6.93 -26.09 29.45
C GLU A 113 5.53 -26.57 28.98
N PHE A 114 4.53 -26.51 29.88
CA PHE A 114 3.15 -26.88 29.58
C PHE A 114 2.42 -25.69 29.01
N ALA A 115 1.76 -25.91 27.88
CA ALA A 115 1.05 -24.83 27.18
C ALA A 115 -0.45 -25.01 27.16
N LYS A 116 -1.17 -23.89 27.34
CA LYS A 116 -2.62 -23.88 27.24
C LYS A 116 -2.90 -23.76 25.74
N LEU A 117 -3.99 -24.33 25.24
CA LEU A 117 -4.24 -24.28 23.81
C LEU A 117 -5.42 -23.42 23.40
N THR A 118 -5.40 -22.96 22.13
CA THR A 118 -6.54 -22.30 21.52
C THR A 118 -7.36 -23.49 20.97
N THR A 119 -8.68 -23.45 21.16
CA THR A 119 -9.53 -24.57 20.72
C THR A 119 -9.65 -24.61 19.20
N LEU A 120 -10.04 -25.78 18.66
CA LEU A 120 -10.28 -25.90 17.23
C LEU A 120 -11.46 -25.02 16.81
N ARG A 121 -12.43 -24.84 17.70
CA ARG A 121 -13.59 -23.95 17.47
C ARG A 121 -13.10 -22.52 17.21
N GLU A 122 -12.18 -22.03 18.05
CA GLU A 122 -11.60 -20.68 17.90
C GLU A 122 -10.72 -20.56 16.66
N LEU A 123 -9.90 -21.59 16.38
CA LEU A 123 -9.07 -21.61 15.18
C LEU A 123 -9.92 -21.61 13.90
N SER A 124 -11.07 -22.32 13.92
CA SER A 124 -12.01 -22.38 12.80
C SER A 124 -12.66 -21.02 12.55
N ARG A 125 -12.97 -20.28 13.62
CA ARG A 125 -13.59 -18.95 13.58
C ARG A 125 -12.60 -17.92 13.00
N ARG A 126 -11.30 -18.14 13.24
CA ARG A 126 -10.24 -17.24 12.76
C ARG A 126 -9.79 -17.61 11.35
N LEU A 127 -10.41 -18.65 10.79
CA LEU A 127 -10.06 -19.11 9.45
C LEU A 127 -11.02 -18.49 8.43
N LEU A 128 -10.50 -17.65 7.53
CA LEU A 128 -11.37 -17.03 6.52
C LEU A 128 -11.69 -18.02 5.42
N PRO A 129 -12.86 -17.88 4.74
CA PRO A 129 -13.19 -18.83 3.66
C PRO A 129 -12.14 -18.87 2.56
N ALA A 130 -11.93 -20.06 1.96
CA ALA A 130 -11.01 -20.21 0.83
C ALA A 130 -11.41 -19.22 -0.27
N GLY A 131 -10.41 -18.65 -0.90
CA GLY A 131 -10.61 -17.70 -2.00
C GLY A 131 -10.99 -16.29 -1.61
N THR A 132 -10.98 -15.94 -0.31
CA THR A 132 -11.38 -14.57 0.09
C THR A 132 -10.23 -13.80 0.78
N ASN A 133 -9.10 -14.45 1.06
CA ASN A 133 -8.05 -13.88 1.90
C ASN A 133 -6.66 -13.82 1.27
N PRO A 134 -6.38 -12.84 0.39
CA PRO A 134 -5.01 -12.74 -0.17
C PRO A 134 -3.96 -12.59 0.94
N GLN A 135 -2.78 -13.19 0.73
CA GLN A 135 -1.67 -13.17 1.67
C GLN A 135 -0.40 -12.68 1.01
N LEU A 136 0.44 -11.97 1.79
CA LEU A 136 1.79 -11.54 1.36
C LEU A 136 2.71 -12.76 1.38
N TYR A 137 3.56 -12.88 0.35
CA TYR A 137 4.43 -14.05 0.22
C TYR A 137 5.79 -13.62 -0.30
N SER A 138 6.83 -14.02 0.42
CA SER A 138 8.22 -13.68 0.10
C SER A 138 9.07 -14.92 -0.24
N GLY A 139 8.41 -16.09 -0.27
CA GLY A 139 9.07 -17.35 -0.59
C GLY A 139 9.26 -17.48 -2.09
N SER A 140 9.70 -18.66 -2.57
CA SER A 140 9.93 -18.88 -4.00
C SER A 140 8.65 -18.84 -4.82
N VAL A 141 8.60 -17.95 -5.83
CA VAL A 141 7.45 -17.80 -6.72
C VAL A 141 7.26 -19.03 -7.62
N ASN A 142 8.30 -19.86 -7.75
CA ASN A 142 8.26 -21.10 -8.55
C ASN A 142 7.86 -22.31 -7.71
N ASN A 143 7.78 -22.13 -6.38
CA ASN A 143 7.42 -23.18 -5.43
C ASN A 143 6.30 -22.71 -4.47
N ILE A 144 5.20 -22.18 -5.04
CA ILE A 144 4.06 -21.73 -4.24
C ILE A 144 3.44 -22.98 -3.59
N PRO A 145 3.24 -22.99 -2.25
CA PRO A 145 2.70 -24.17 -1.57
C PRO A 145 1.41 -24.76 -2.14
N SER A 146 1.22 -26.08 -1.94
CA SER A 146 0.07 -26.83 -2.42
C SER A 146 -1.24 -26.23 -1.90
N GLY A 147 -2.17 -26.04 -2.82
CA GLY A 147 -3.48 -25.47 -2.49
C GLY A 147 -3.50 -23.96 -2.65
N TRP A 148 -2.34 -23.35 -2.84
CA TRP A 148 -2.21 -21.89 -3.01
C TRP A 148 -1.89 -21.53 -4.45
N GLN A 149 -2.22 -20.30 -4.87
CA GLN A 149 -1.86 -19.79 -6.18
C GLN A 149 -1.68 -18.28 -6.10
N LEU A 150 -1.04 -17.72 -7.12
CA LEU A 150 -0.85 -16.28 -7.26
C LEU A 150 -2.23 -15.63 -7.51
N CYS A 151 -2.47 -14.43 -6.93
CA CYS A 151 -3.70 -13.67 -7.19
C CYS A 151 -3.47 -13.02 -8.57
N ASP A 152 -3.79 -13.77 -9.64
CA ASP A 152 -3.52 -13.36 -11.02
C ASP A 152 -4.75 -13.19 -11.94
N GLY A 153 -5.95 -13.30 -11.38
CA GLY A 153 -7.16 -13.17 -12.17
C GLY A 153 -7.76 -14.49 -12.62
N THR A 154 -6.98 -15.61 -12.55
CA THR A 154 -7.42 -16.98 -12.90
C THR A 154 -8.15 -17.63 -11.71
N ASN A 155 -9.05 -18.60 -11.97
CA ASN A 155 -9.80 -19.35 -10.94
C ASN A 155 -10.57 -18.46 -9.97
N GLY A 156 -11.16 -17.41 -10.52
CA GLY A 156 -11.96 -16.44 -9.79
C GLY A 156 -11.18 -15.52 -8.85
N THR A 157 -9.85 -15.52 -8.92
CA THR A 157 -9.01 -14.67 -8.05
C THR A 157 -8.95 -13.23 -8.55
N GLU A 158 -8.58 -12.30 -7.67
CA GLU A 158 -8.35 -10.91 -8.06
C GLU A 158 -6.98 -10.90 -8.75
N ASN A 159 -6.79 -10.06 -9.78
CA ASN A 159 -5.47 -9.99 -10.40
C ASN A 159 -4.74 -8.82 -9.69
N LEU A 160 -3.89 -9.16 -8.72
CA LEU A 160 -3.15 -8.16 -7.91
C LEU A 160 -1.74 -7.84 -8.40
N LYS A 161 -1.34 -8.44 -9.54
CA LYS A 161 -0.01 -8.27 -10.12
C LYS A 161 0.26 -6.81 -10.44
N GLY A 162 1.39 -6.30 -9.98
CA GLY A 162 1.80 -4.92 -10.18
C GLY A 162 0.98 -3.85 -9.46
N SER A 163 0.09 -4.26 -8.55
CA SER A 163 -0.76 -3.27 -7.87
C SER A 163 -0.32 -2.93 -6.45
N PHE A 164 -0.65 -1.71 -6.03
CA PHE A 164 -0.56 -1.20 -4.65
C PHE A 164 -1.96 -1.37 -4.10
N ILE A 165 -2.10 -2.03 -2.96
CA ILE A 165 -3.45 -2.19 -2.41
C ILE A 165 -3.95 -0.95 -1.70
N VAL A 166 -5.23 -0.63 -1.91
CA VAL A 166 -5.90 0.46 -1.19
C VAL A 166 -7.13 -0.13 -0.47
N GLY A 167 -7.37 0.31 0.77
CA GLY A 167 -8.50 -0.13 1.57
C GLY A 167 -9.86 0.27 0.99
N TYR A 168 -10.73 -0.74 0.84
CA TYR A 168 -12.12 -0.57 0.46
C TYR A 168 -12.76 0.47 1.38
N ASP A 169 -13.55 1.36 0.80
CA ASP A 169 -14.25 2.38 1.56
C ASP A 169 -15.65 2.46 0.97
N PRO A 170 -16.72 2.07 1.72
CA PRO A 170 -18.07 2.11 1.12
C PRO A 170 -18.56 3.51 0.74
N ASN A 171 -17.96 4.55 1.33
CA ASN A 171 -18.34 5.94 1.12
C ASN A 171 -17.51 6.72 0.11
N ASP A 172 -16.57 6.07 -0.58
CA ASP A 172 -15.67 6.72 -1.53
C ASP A 172 -15.83 6.03 -2.85
N SER A 173 -16.32 6.77 -3.87
CA SER A 173 -16.56 6.20 -5.21
C SER A 173 -15.29 5.62 -5.86
N ASP A 174 -14.09 6.07 -5.42
CA ASP A 174 -12.85 5.49 -5.95
C ASP A 174 -12.64 4.06 -5.44
N TYR A 175 -13.13 3.77 -4.23
CA TYR A 175 -12.83 2.50 -3.55
C TYR A 175 -14.04 1.74 -3.02
N ASN A 176 -15.26 2.01 -3.55
CA ASN A 176 -16.48 1.40 -3.00
C ASN A 176 -16.87 0.03 -3.54
N ALA A 177 -15.96 -0.66 -4.19
CA ALA A 177 -16.16 -2.04 -4.62
C ALA A 177 -14.83 -2.73 -4.64
N ILE A 178 -14.81 -4.03 -4.28
CA ILE A 178 -13.60 -4.82 -4.41
C ILE A 178 -13.20 -4.83 -5.88
N GLY A 179 -11.93 -4.63 -6.17
CA GLY A 179 -11.46 -4.65 -7.55
C GLY A 179 -11.49 -3.34 -8.32
N LYS A 180 -11.94 -2.25 -7.70
CA LYS A 180 -11.90 -0.93 -8.34
C LYS A 180 -10.44 -0.53 -8.41
N VAL A 181 -10.03 -0.04 -9.57
CA VAL A 181 -8.64 0.32 -9.86
C VAL A 181 -8.53 1.79 -10.27
N GLY A 182 -7.32 2.26 -10.30
CA GLY A 182 -7.03 3.62 -10.72
C GLY A 182 -5.54 3.86 -10.55
N GLY A 183 -5.14 5.13 -10.52
CA GLY A 183 -3.74 5.48 -10.34
C GLY A 183 -2.92 5.30 -11.60
N THR A 184 -1.71 5.88 -11.62
CA THR A 184 -0.79 5.77 -12.78
C THR A 184 0.62 5.67 -12.26
N LYS A 185 1.46 4.91 -12.97
CA LYS A 185 2.85 4.73 -12.58
C LYS A 185 3.62 6.06 -12.77
N LYS A 186 3.29 6.79 -13.87
CA LYS A 186 3.91 8.06 -14.26
C LYS A 186 2.87 9.17 -14.34
N VAL A 187 3.30 10.41 -14.13
CA VAL A 187 2.44 11.61 -14.24
C VAL A 187 3.29 12.76 -14.78
N THR A 188 2.68 13.70 -15.49
CA THR A 188 3.39 14.86 -16.02
C THR A 188 2.74 16.11 -15.42
N PRO A 189 3.49 16.94 -14.64
CA PRO A 189 2.88 18.17 -14.10
C PRO A 189 2.53 19.13 -15.23
N SER A 190 1.45 19.88 -15.03
CA SER A 190 0.99 20.87 -16.00
C SER A 190 0.51 22.08 -15.26
N GLY A 191 0.42 23.20 -15.95
CA GLY A 191 -0.06 24.42 -15.33
C GLY A 191 -0.01 25.59 -16.29
N ASN A 192 -0.36 26.75 -15.78
CA ASN A 192 -0.47 27.98 -16.58
C ASN A 192 0.28 29.12 -15.98
N LEU A 193 0.66 30.07 -16.85
CA LEU A 193 1.35 31.30 -16.45
C LEU A 193 0.43 32.48 -16.72
N ASP A 194 0.54 33.52 -15.89
CA ASP A 194 -0.28 34.72 -16.12
C ASP A 194 0.41 35.59 -17.20
N SER A 195 -0.30 36.64 -17.70
CA SER A 195 0.17 37.52 -18.79
C SER A 195 0.75 38.80 -18.21
N ARG A 196 1.92 39.25 -18.75
CA ARG A 196 2.57 40.47 -18.26
C ARG A 196 3.01 41.35 -19.42
N SER A 197 3.03 42.67 -19.15
CA SER A 197 3.52 43.71 -20.07
C SER A 197 4.80 44.27 -19.48
N ILE A 198 5.65 44.84 -20.33
CA ILE A 198 6.88 45.49 -19.88
C ILE A 198 6.80 46.94 -20.33
N ASN A 199 7.64 47.79 -19.73
CA ASN A 199 7.77 49.19 -20.13
C ASN A 199 9.16 49.37 -20.68
N VAL A 200 9.30 50.26 -21.68
CA VAL A 200 10.58 50.60 -22.27
C VAL A 200 10.61 52.11 -22.51
N THR A 201 11.75 52.75 -22.31
CA THR A 201 11.90 54.20 -22.54
C THR A 201 12.74 54.43 -23.76
N VAL A 202 12.16 55.09 -24.77
CA VAL A 202 12.88 55.37 -26.02
C VAL A 202 13.53 56.74 -25.84
N PRO A 203 14.87 56.84 -25.91
CA PRO A 203 15.50 58.17 -25.74
C PRO A 203 15.46 59.05 -26.98
N ARG A 204 15.32 60.36 -26.77
CA ARG A 204 15.40 61.34 -27.87
C ARG A 204 16.89 61.58 -28.23
N ASP A 205 17.82 61.31 -27.27
CA ASP A 205 19.26 61.50 -27.43
C ASP A 205 20.01 60.20 -27.61
N GLY A 206 21.26 60.34 -28.08
CA GLY A 206 22.22 59.25 -28.24
C GLY A 206 22.14 58.46 -29.51
N TRP A 207 21.50 59.02 -30.56
CA TRP A 207 21.33 58.31 -31.84
C TRP A 207 22.59 58.39 -32.72
N SER A 208 23.63 59.11 -32.26
CA SER A 208 24.90 59.32 -32.98
C SER A 208 24.57 59.98 -34.35
N THR A 209 25.54 60.02 -35.25
CA THR A 209 25.37 60.64 -36.56
C THR A 209 26.04 59.77 -37.60
N PHE A 210 25.63 59.94 -38.86
CA PHE A 210 26.25 59.32 -40.00
C PHE A 210 26.36 60.38 -41.09
N GLY A 211 27.47 60.35 -41.82
CA GLY A 211 27.67 61.23 -42.97
C GLY A 211 27.83 62.70 -42.66
N SER A 212 27.49 63.54 -43.65
CA SER A 212 27.71 64.97 -43.56
C SER A 212 26.43 65.78 -43.67
N GLY A 213 26.58 67.10 -43.82
CA GLY A 213 25.48 68.05 -43.92
C GLY A 213 24.57 67.72 -45.10
N LEU A 214 23.33 68.21 -45.07
CA LEU A 214 22.37 67.87 -46.13
C LEU A 214 22.43 68.86 -47.31
N GLY A 215 22.75 68.38 -48.51
CA GLY A 215 23.09 67.00 -48.82
C GLY A 215 21.85 66.10 -48.79
N ALA A 216 22.04 64.81 -48.51
CA ALA A 216 20.92 63.88 -48.46
C ALA A 216 21.03 62.94 -47.26
N VAL A 217 19.87 62.43 -46.82
CA VAL A 217 19.72 61.42 -45.77
C VAL A 217 18.81 60.35 -46.37
N LYS A 218 19.17 59.08 -46.15
CA LYS A 218 18.40 57.91 -46.60
C LYS A 218 16.90 58.15 -46.32
N SER A 219 16.05 57.83 -47.31
CA SER A 219 14.59 57.95 -47.19
C SER A 219 14.10 57.13 -45.97
N GLY A 220 13.32 57.76 -45.07
CA GLY A 220 12.78 57.07 -43.90
C GLY A 220 13.74 56.87 -42.73
N ARG A 221 14.94 57.47 -42.81
CA ARG A 221 15.95 57.40 -41.75
C ARG A 221 15.80 58.62 -40.88
N ILE A 222 15.81 58.42 -39.53
CA ILE A 222 15.68 59.51 -38.55
C ILE A 222 16.76 60.57 -38.76
N VAL A 223 16.33 61.86 -38.76
CA VAL A 223 17.26 62.98 -38.87
C VAL A 223 17.56 63.47 -37.46
N VAL A 224 18.84 63.79 -37.21
CA VAL A 224 19.28 64.29 -35.91
C VAL A 224 20.03 65.61 -36.03
N GLY A 225 20.29 66.24 -34.89
CA GLY A 225 21.13 67.44 -34.85
C GLY A 225 22.58 67.05 -35.10
N SER A 226 23.36 67.96 -35.74
CA SER A 226 24.80 67.74 -35.97
C SER A 226 25.59 68.38 -34.81
N GLY A 227 24.94 69.25 -34.03
CA GLY A 227 25.57 70.02 -32.95
C GLY A 227 26.23 71.30 -33.45
N GLN A 228 26.26 71.48 -34.78
CA GLN A 228 26.87 72.62 -35.50
C GLN A 228 25.83 73.69 -35.78
N GLN A 229 26.27 74.95 -35.77
CA GLN A 229 25.46 76.11 -36.11
C GLN A 229 26.16 76.87 -37.23
N GLU A 230 25.48 77.00 -38.36
CA GLU A 230 25.95 77.71 -39.55
C GLU A 230 25.51 79.17 -39.40
N ASN A 231 26.15 80.11 -40.12
CA ASN A 231 25.70 81.50 -40.07
C ASN A 231 24.71 81.61 -41.24
N SER A 232 23.50 81.08 -41.01
CA SER A 232 22.47 80.97 -42.05
C SER A 232 21.12 81.42 -41.61
N GLU A 233 20.20 81.50 -42.60
CA GLU A 233 18.81 81.84 -42.37
C GLU A 233 18.22 80.74 -41.47
N TYR A 234 17.58 81.12 -40.34
CA TYR A 234 16.99 80.17 -39.38
C TYR A 234 15.96 79.24 -40.03
N LEU A 235 16.00 77.94 -39.67
CA LEU A 235 15.04 76.94 -40.15
C LEU A 235 13.91 76.87 -39.14
N GLU A 236 12.80 77.55 -39.48
CA GLU A 236 11.62 77.65 -38.62
C GLU A 236 10.76 76.39 -38.60
N SER A 237 10.85 75.55 -39.64
CA SER A 237 10.07 74.31 -39.75
C SER A 237 10.53 73.17 -38.84
N LEU A 238 11.68 73.34 -38.15
CA LEU A 238 12.30 72.30 -37.34
C LEU A 238 12.56 72.69 -35.91
N ARG A 239 12.61 71.68 -35.02
CA ARG A 239 12.97 71.83 -33.63
C ARG A 239 13.65 70.58 -33.17
N ALA A 240 14.39 70.69 -32.07
CA ALA A 240 14.92 69.54 -31.38
C ALA A 240 13.68 68.88 -30.75
N SER A 241 13.69 67.55 -30.64
CA SER A 241 12.65 66.81 -29.91
C SER A 241 12.74 67.25 -28.43
N GLY A 242 11.62 67.20 -27.72
CA GLY A 242 11.55 67.66 -26.33
C GLY A 242 11.64 66.61 -25.24
N ILE A 243 11.13 65.39 -25.49
CA ILE A 243 11.07 64.37 -24.43
C ILE A 243 11.50 62.98 -24.87
N ASP A 244 11.83 62.14 -23.87
CA ASP A 244 12.02 60.70 -24.05
C ASP A 244 10.61 60.10 -24.05
N ARG A 245 10.44 58.86 -24.53
CA ARG A 245 9.10 58.25 -24.59
C ARG A 245 9.02 56.92 -23.82
N THR A 246 8.21 56.88 -22.75
CA THR A 246 8.02 55.64 -21.97
C THR A 246 6.80 54.91 -22.53
N LEU A 247 7.01 53.69 -23.02
CA LEU A 247 5.97 52.93 -23.69
C LEU A 247 5.63 51.64 -22.98
N THR A 248 4.38 51.16 -23.14
CA THR A 248 3.96 49.87 -22.57
C THR A 248 3.77 48.87 -23.69
N SER A 249 4.32 47.70 -23.52
CA SER A 249 4.20 46.62 -24.48
C SER A 249 2.83 45.97 -24.44
N THR A 250 2.58 45.12 -25.43
CA THR A 250 1.42 44.25 -25.50
C THR A 250 1.68 43.14 -24.45
N PRO A 251 0.63 42.55 -23.83
CA PRO A 251 0.89 41.46 -22.84
C PRO A 251 1.46 40.20 -23.48
N HIS A 252 2.10 39.36 -22.68
CA HIS A 252 2.58 38.07 -23.17
C HIS A 252 2.57 37.07 -22.02
N SER A 253 2.52 35.80 -22.37
CA SER A 253 2.58 34.70 -21.40
C SER A 253 3.55 33.68 -21.99
N HIS A 254 3.68 32.48 -21.35
CA HIS A 254 4.52 31.40 -21.88
C HIS A 254 3.75 30.09 -21.66
N THR A 255 4.05 29.07 -22.43
CA THR A 255 3.46 27.76 -22.27
C THR A 255 4.44 26.94 -21.43
N PHE A 256 3.92 26.23 -20.43
CA PHE A 256 4.72 25.34 -19.60
C PHE A 256 4.59 23.93 -20.17
N THR A 257 5.73 23.24 -20.35
CA THR A 257 5.78 21.84 -20.80
C THR A 257 6.46 21.05 -19.68
N GLY A 258 5.70 20.25 -18.95
CA GLY A 258 6.27 19.48 -17.84
C GLY A 258 7.07 18.28 -18.26
N ASN A 259 7.99 17.82 -17.37
CA ASN A 259 8.74 16.60 -17.60
C ASN A 259 7.99 15.49 -16.84
N GLN A 260 7.96 14.28 -17.41
CA GLN A 260 7.30 13.14 -16.76
C GLN A 260 8.02 12.81 -15.44
N GLN A 261 7.26 12.42 -14.42
CA GLN A 261 7.83 12.04 -13.14
C GLN A 261 7.23 10.70 -12.68
N ASP A 262 7.93 10.00 -11.81
CA ASP A 262 7.52 8.71 -11.27
C ASP A 262 6.57 8.96 -10.08
N ASN A 263 5.34 8.48 -10.21
CA ASN A 263 4.26 8.72 -9.24
C ASN A 263 4.32 7.76 -8.03
N ARG A 264 5.26 6.83 -8.04
CA ARG A 264 5.33 5.81 -6.99
C ARG A 264 6.13 6.20 -5.77
N ALA A 265 5.56 5.91 -4.60
CA ALA A 265 6.20 6.09 -3.31
C ALA A 265 7.20 4.89 -3.14
N PRO A 266 8.11 4.89 -2.11
CA PRO A 266 9.07 3.77 -1.97
C PRO A 266 8.38 2.43 -1.84
N TYR A 267 8.60 1.56 -2.82
CA TYR A 267 7.90 0.27 -2.90
C TYR A 267 8.82 -0.94 -2.73
N TYR A 268 8.22 -2.09 -2.41
CA TYR A 268 8.92 -3.35 -2.19
C TYR A 268 8.01 -4.44 -2.77
N THR A 269 8.57 -5.25 -3.71
CA THR A 269 7.79 -6.27 -4.38
C THR A 269 7.64 -7.54 -3.53
N LEU A 270 6.38 -7.92 -3.30
CA LEU A 270 6.02 -9.18 -2.65
C LEU A 270 4.93 -9.83 -3.51
N ALA A 271 4.78 -11.14 -3.43
CA ALA A 271 3.72 -11.78 -4.18
C ALA A 271 2.45 -11.83 -3.33
N TYR A 272 1.30 -11.65 -3.96
CA TYR A 272 -0.02 -11.82 -3.37
C TYR A 272 -0.48 -13.22 -3.79
N ILE A 273 -0.65 -14.09 -2.81
CA ILE A 273 -1.11 -15.47 -3.07
C ILE A 273 -2.41 -15.71 -2.32
N ILE A 274 -3.14 -16.76 -2.71
CA ILE A 274 -4.40 -17.05 -2.03
C ILE A 274 -4.65 -18.55 -1.94
N TYR A 275 -5.30 -18.98 -0.88
CA TYR A 275 -5.59 -20.39 -0.72
C TYR A 275 -6.89 -20.73 -1.49
N ILE A 276 -6.80 -21.70 -2.40
CA ILE A 276 -7.92 -22.17 -3.21
C ILE A 276 -8.46 -23.49 -2.64
N GLY A 277 -7.59 -24.46 -2.43
CA GLY A 277 -7.97 -25.77 -1.90
C GLY A 277 -7.06 -26.87 -2.42
N THR B 18 -10.91 -55.21 38.46
CA THR B 18 -10.06 -54.46 37.54
C THR B 18 -10.83 -53.67 36.48
N LEU B 19 -12.12 -54.01 36.24
CA LEU B 19 -12.99 -53.33 35.27
C LEU B 19 -13.26 -51.87 35.66
N ASN B 20 -13.16 -51.54 36.97
CA ASN B 20 -13.32 -50.19 37.52
C ASN B 20 -12.14 -49.34 37.05
N ALA B 21 -10.91 -49.89 37.16
CA ALA B 21 -9.67 -49.27 36.70
C ALA B 21 -9.66 -49.22 35.17
N MET B 22 -10.33 -50.22 34.54
CA MET B 22 -10.54 -50.42 33.09
C MET B 22 -11.90 -49.81 32.60
N GLN B 23 -12.27 -48.64 33.17
CA GLN B 23 -13.38 -47.75 32.84
C GLN B 23 -12.92 -46.33 33.18
N GLU B 24 -12.32 -46.11 34.37
CA GLU B 24 -11.79 -44.81 34.77
C GLU B 24 -10.62 -44.41 33.84
N ALA B 25 -9.81 -45.41 33.40
CA ALA B 25 -8.69 -45.22 32.47
C ALA B 25 -9.19 -44.61 31.15
N TYR B 26 -10.22 -45.22 30.54
CA TYR B 26 -10.75 -44.68 29.29
C TYR B 26 -11.65 -43.44 29.45
N SER B 27 -12.24 -43.20 30.65
CA SER B 27 -13.10 -42.04 30.87
C SER B 27 -12.37 -40.68 30.65
N VAL B 28 -11.01 -40.63 30.87
CA VAL B 28 -10.15 -39.42 30.72
C VAL B 28 -10.16 -38.90 29.27
N PHE B 29 -10.52 -39.78 28.34
CA PHE B 29 -10.59 -39.42 26.93
C PHE B 29 -11.71 -38.44 26.59
N ASN B 30 -12.75 -38.32 27.47
CA ASN B 30 -13.78 -37.31 27.31
C ASN B 30 -13.15 -35.91 27.27
N ALA B 31 -12.10 -35.68 28.10
CA ALA B 31 -11.44 -34.38 28.19
C ALA B 31 -10.78 -33.95 26.87
N LEU B 32 -10.46 -34.91 25.97
CA LEU B 32 -9.89 -34.60 24.65
C LEU B 32 -10.85 -33.79 23.78
N GLY B 33 -12.13 -33.81 24.13
CA GLY B 33 -13.14 -32.99 23.47
C GLY B 33 -12.88 -31.51 23.64
N GLU B 34 -12.19 -31.14 24.74
CA GLU B 34 -11.79 -29.76 25.01
C GLU B 34 -10.87 -29.22 23.90
N LEU B 35 -10.14 -30.10 23.19
CA LEU B 35 -9.29 -29.67 22.06
C LEU B 35 -10.17 -29.04 20.95
N ALA B 36 -11.42 -29.53 20.80
CA ALA B 36 -12.40 -28.96 19.85
C ALA B 36 -13.03 -27.69 20.46
N GLY B 37 -13.29 -27.70 21.77
CA GLY B 37 -13.90 -26.59 22.47
C GLY B 37 -15.34 -26.88 22.85
N ASN B 38 -15.85 -26.15 23.85
CA ASN B 38 -17.22 -26.35 24.33
C ASN B 38 -18.25 -26.13 23.24
N LYS B 39 -19.23 -27.05 23.16
CA LYS B 39 -20.32 -27.04 22.17
C LYS B 39 -19.83 -27.20 20.74
N ALA B 40 -18.74 -27.95 20.54
CA ALA B 40 -18.28 -28.14 19.17
C ALA B 40 -18.93 -29.38 18.62
N ILE B 41 -19.15 -29.41 17.31
CA ILE B 41 -19.67 -30.61 16.65
C ILE B 41 -18.38 -31.31 16.24
N ILE B 42 -18.13 -32.49 16.81
CA ILE B 42 -16.89 -33.26 16.57
C ILE B 42 -16.92 -33.92 15.21
N LYS B 43 -18.07 -34.54 14.90
CA LYS B 43 -18.33 -35.32 13.69
C LYS B 43 -19.81 -35.31 13.34
N GLY B 44 -20.13 -35.45 12.06
CA GLY B 44 -21.51 -35.53 11.57
C GLY B 44 -22.30 -34.25 11.75
N CYS B 45 -23.56 -34.39 12.23
CA CYS B 45 -24.51 -33.30 12.48
C CYS B 45 -24.66 -32.33 11.29
N VAL B 46 -24.74 -32.90 10.08
CA VAL B 46 -24.88 -32.15 8.84
C VAL B 46 -26.39 -32.03 8.50
N VAL B 47 -26.80 -30.85 8.01
CA VAL B 47 -28.18 -30.59 7.60
C VAL B 47 -28.45 -31.22 6.21
N SER B 48 -29.60 -31.91 6.07
CA SER B 48 -30.01 -32.53 4.79
C SER B 48 -31.09 -31.64 4.16
N GLY B 49 -32.16 -31.42 4.91
CA GLY B 49 -33.28 -30.55 4.57
C GLY B 49 -33.82 -29.98 5.86
N SER B 50 -34.90 -30.57 6.37
CA SER B 50 -35.50 -30.20 7.66
C SER B 50 -34.89 -31.09 8.74
N THR B 51 -34.03 -32.05 8.31
CA THR B 51 -33.38 -33.00 9.19
C THR B 51 -31.88 -32.79 9.29
N THR B 52 -31.35 -32.98 10.51
CA THR B 52 -29.92 -32.91 10.79
C THR B 52 -29.48 -34.37 10.95
N THR B 53 -28.38 -34.76 10.27
CA THR B 53 -27.83 -36.12 10.35
C THR B 53 -27.31 -36.41 11.76
N ASP B 54 -27.01 -37.68 12.04
CA ASP B 54 -26.44 -38.10 13.31
C ASP B 54 -24.97 -37.63 13.41
N GLY B 55 -24.43 -37.62 14.63
CA GLY B 55 -23.05 -37.23 14.83
C GLY B 55 -22.56 -37.31 16.25
N VAL B 56 -21.54 -36.49 16.56
CA VAL B 56 -20.88 -36.47 17.88
C VAL B 56 -20.67 -35.01 18.32
N VAL B 57 -21.09 -34.69 19.54
CA VAL B 57 -20.90 -33.32 20.05
C VAL B 57 -20.14 -33.36 21.36
N TYR B 58 -19.63 -32.20 21.78
CA TYR B 58 -18.94 -32.08 23.04
C TYR B 58 -19.57 -30.95 23.83
N ILE B 59 -19.97 -31.23 25.09
CA ILE B 59 -20.59 -30.24 25.98
C ILE B 59 -20.07 -30.45 27.37
N ASN B 60 -19.59 -29.37 27.99
CA ASN B 60 -19.12 -29.31 29.37
C ASN B 60 -18.31 -30.55 29.84
N GLY B 61 -17.23 -30.87 29.13
CA GLY B 61 -16.37 -31.98 29.51
C GLY B 61 -16.82 -33.37 29.11
N GLU B 62 -17.89 -33.46 28.31
CA GLU B 62 -18.43 -34.75 27.90
C GLU B 62 -18.66 -34.84 26.39
N VAL B 63 -18.25 -35.97 25.81
CA VAL B 63 -18.38 -36.32 24.40
C VAL B 63 -19.76 -37.03 24.22
N PHE B 64 -20.64 -36.46 23.39
CA PHE B 64 -21.97 -37.03 23.19
C PHE B 64 -22.24 -37.52 21.78
N LYS B 65 -22.95 -38.63 21.66
CA LYS B 65 -23.48 -39.08 20.39
C LYS B 65 -24.67 -38.13 20.15
N PHE B 66 -24.77 -37.57 18.95
CA PHE B 66 -25.87 -36.69 18.61
C PHE B 66 -26.85 -37.43 17.69
N VAL B 67 -28.07 -37.65 18.19
CA VAL B 67 -29.13 -38.33 17.43
C VAL B 67 -29.93 -37.22 16.77
N GLY B 68 -29.83 -37.16 15.46
CA GLY B 68 -30.50 -36.16 14.64
C GLY B 68 -32.00 -36.35 14.50
N GLY B 69 -32.48 -36.08 13.29
CA GLY B 69 -33.89 -36.13 12.95
C GLY B 69 -34.32 -34.72 12.60
N GLN B 70 -35.61 -34.40 12.81
CA GLN B 70 -36.16 -33.08 12.50
C GLN B 70 -35.52 -31.95 13.33
N THR B 71 -34.97 -30.91 12.64
CA THR B 71 -34.31 -29.72 13.24
C THR B 71 -35.31 -28.91 14.09
N GLN B 72 -34.89 -28.50 15.31
CA GLN B 72 -35.71 -27.74 16.26
C GLN B 72 -35.04 -26.43 16.79
N SER B 73 -33.97 -25.93 16.10
CA SER B 73 -33.18 -24.72 16.43
C SER B 73 -32.62 -24.67 17.89
N ARG B 74 -33.03 -25.62 18.75
CA ARG B 74 -32.62 -25.79 20.14
C ARG B 74 -32.40 -27.30 20.40
N VAL B 75 -31.47 -27.66 21.30
CA VAL B 75 -31.11 -29.05 21.65
C VAL B 75 -31.04 -29.27 23.15
N LYS B 76 -30.99 -30.55 23.59
CA LYS B 76 -30.86 -30.93 24.99
C LYS B 76 -30.23 -32.33 25.14
N ILE B 77 -29.67 -32.63 26.33
CA ILE B 77 -29.05 -33.90 26.69
C ILE B 77 -30.16 -34.81 27.23
N ARG B 98 -27.43 -42.00 27.37
CA ARG B 98 -27.16 -40.56 27.37
C ARG B 98 -26.71 -40.12 25.98
N TYR B 99 -27.33 -39.04 25.46
CA TYR B 99 -27.08 -38.49 24.12
C TYR B 99 -27.69 -37.10 23.99
N VAL B 100 -27.43 -36.45 22.88
CA VAL B 100 -27.98 -35.13 22.62
C VAL B 100 -28.90 -35.25 21.43
N THR B 101 -30.10 -34.66 21.56
CA THR B 101 -31.10 -34.62 20.50
C THR B 101 -31.80 -33.26 20.50
N PHE B 102 -32.65 -33.02 19.48
CA PHE B 102 -33.39 -31.77 19.34
C PHE B 102 -34.46 -31.58 20.43
N ALA B 103 -34.65 -30.33 20.87
CA ALA B 103 -35.62 -29.97 21.91
C ALA B 103 -36.01 -28.48 21.84
N SER B 104 -36.59 -27.97 22.96
CA SER B 104 -37.03 -26.61 23.26
C SER B 104 -37.60 -26.67 24.69
N GLY B 105 -37.46 -25.58 25.44
CA GLY B 105 -37.92 -25.50 26.81
C GLY B 105 -36.79 -25.55 27.82
N THR B 106 -36.58 -26.74 28.44
CA THR B 106 -35.54 -26.98 29.45
C THR B 106 -35.01 -28.44 29.38
N GLY B 107 -33.69 -28.65 29.41
CA GLY B 107 -32.62 -27.65 29.46
C GLY B 107 -32.12 -27.34 28.06
N SER B 108 -32.97 -26.63 27.32
CA SER B 108 -32.79 -26.19 25.94
C SER B 108 -31.51 -25.36 25.74
N ILE B 109 -30.68 -25.76 24.75
CA ILE B 109 -29.43 -25.09 24.36
C ILE B 109 -29.65 -24.70 22.92
N SER B 110 -29.37 -23.44 22.56
CA SER B 110 -29.50 -22.97 21.18
C SER B 110 -28.52 -23.75 20.30
N TRP B 111 -29.03 -24.39 19.23
CA TRP B 111 -28.25 -25.19 18.29
C TRP B 111 -27.29 -24.31 17.47
N ALA B 112 -27.53 -22.99 17.48
CA ALA B 112 -26.68 -21.99 16.84
C ALA B 112 -25.35 -21.83 17.62
N GLU B 113 -25.35 -22.23 18.91
CA GLU B 113 -24.17 -22.18 19.78
C GLU B 113 -23.18 -23.31 19.47
N PHE B 114 -23.63 -24.36 18.73
CA PHE B 114 -22.79 -25.49 18.32
C PHE B 114 -22.11 -25.16 17.01
N ALA B 115 -20.79 -25.36 16.98
CA ALA B 115 -19.98 -25.00 15.82
C ALA B 115 -19.35 -26.17 15.10
N LYS B 116 -19.38 -26.11 13.77
CA LYS B 116 -18.75 -27.10 12.90
C LYS B 116 -17.28 -26.69 12.84
N LEU B 117 -16.36 -27.66 12.71
CA LEU B 117 -14.93 -27.37 12.74
C LEU B 117 -14.20 -27.61 11.45
N THR B 118 -13.10 -26.89 11.26
CA THR B 118 -12.16 -27.15 10.18
C THR B 118 -11.17 -28.16 10.80
N THR B 119 -10.76 -29.17 10.04
CA THR B 119 -9.82 -30.19 10.54
C THR B 119 -8.41 -29.65 10.68
N LEU B 120 -7.59 -30.33 11.50
CA LEU B 120 -6.18 -29.96 11.66
C LEU B 120 -5.42 -30.14 10.34
N ARG B 121 -5.84 -31.13 9.53
CA ARG B 121 -5.28 -31.38 8.19
C ARG B 121 -5.44 -30.13 7.32
N GLU B 122 -6.64 -29.55 7.31
CA GLU B 122 -6.97 -28.36 6.54
C GLU B 122 -6.25 -27.11 7.10
N LEU B 123 -6.20 -26.96 8.43
CA LEU B 123 -5.48 -25.86 9.07
C LEU B 123 -3.97 -25.90 8.74
N SER B 124 -3.39 -27.14 8.67
CA SER B 124 -1.98 -27.34 8.34
C SER B 124 -1.70 -26.93 6.90
N ARG B 125 -2.64 -27.21 5.99
CA ARG B 125 -2.53 -26.89 4.56
C ARG B 125 -2.61 -25.35 4.35
N ARG B 126 -3.34 -24.65 5.23
CA ARG B 126 -3.51 -23.21 5.16
C ARG B 126 -2.39 -22.47 5.88
N LEU B 127 -1.46 -23.23 6.47
CA LEU B 127 -0.31 -22.67 7.16
C LEU B 127 0.88 -22.55 6.20
N LEU B 128 1.32 -21.32 5.91
CA LEU B 128 2.44 -21.10 5.01
C LEU B 128 3.76 -21.37 5.73
N PRO B 129 4.83 -21.75 5.01
CA PRO B 129 6.11 -22.02 5.69
C PRO B 129 6.63 -20.82 6.49
N ALA B 130 7.24 -21.09 7.68
CA ALA B 130 7.80 -20.01 8.53
C ALA B 130 8.78 -19.21 7.66
N GLY B 131 8.77 -17.90 7.87
CA GLY B 131 9.63 -16.98 7.13
C GLY B 131 9.17 -16.59 5.74
N THR B 132 7.99 -17.05 5.27
CA THR B 132 7.55 -16.68 3.91
C THR B 132 6.30 -15.79 3.88
N ASN B 133 5.67 -15.55 5.04
CA ASN B 133 4.37 -14.90 5.09
C ASN B 133 4.28 -13.69 6.01
N PRO B 134 4.78 -12.51 5.53
CA PRO B 134 4.65 -11.29 6.34
C PRO B 134 3.17 -11.01 6.69
N GLN B 135 2.94 -10.47 7.89
CA GLN B 135 1.60 -10.15 8.42
C GLN B 135 1.56 -8.70 8.87
N LEU B 136 0.40 -8.07 8.69
CA LEU B 136 0.12 -6.71 9.17
C LEU B 136 -0.10 -6.79 10.68
N TYR B 137 0.45 -5.81 11.41
CA TYR B 137 0.37 -5.79 12.87
C TYR B 137 0.13 -4.40 13.39
N SER B 138 -0.89 -4.24 14.22
CA SER B 138 -1.29 -2.93 14.78
C SER B 138 -1.16 -2.93 16.31
N GLY B 139 -0.69 -4.03 16.89
CA GLY B 139 -0.47 -4.14 18.33
C GLY B 139 0.78 -3.40 18.75
N SER B 140 1.19 -3.59 20.02
CA SER B 140 2.36 -2.89 20.54
C SER B 140 3.66 -3.36 19.89
N VAL B 141 4.42 -2.42 19.32
CA VAL B 141 5.73 -2.74 18.69
C VAL B 141 6.80 -3.14 19.74
N ASN B 142 6.53 -2.84 21.03
CA ASN B 142 7.41 -3.21 22.15
C ASN B 142 7.03 -4.55 22.76
N ASN B 143 5.91 -5.13 22.31
CA ASN B 143 5.42 -6.43 22.78
C ASN B 143 5.05 -7.34 21.59
N ILE B 144 5.97 -7.50 20.62
CA ILE B 144 5.73 -8.38 19.46
C ILE B 144 5.63 -9.83 20.00
N PRO B 145 4.54 -10.58 19.67
CA PRO B 145 4.41 -11.95 20.21
C PRO B 145 5.59 -12.89 19.99
N SER B 146 5.72 -13.89 20.90
CA SER B 146 6.82 -14.85 20.88
C SER B 146 6.86 -15.62 19.56
N GLY B 147 8.04 -15.74 18.99
CA GLY B 147 8.23 -16.43 17.73
C GLY B 147 8.13 -15.50 16.53
N TRP B 148 7.66 -14.26 16.77
CA TRP B 148 7.49 -13.26 15.71
C TRP B 148 8.54 -12.16 15.82
N GLN B 149 8.84 -11.50 14.70
CA GLN B 149 9.74 -10.35 14.69
C GLN B 149 9.31 -9.40 13.57
N LEU B 150 9.85 -8.20 13.61
CA LEU B 150 9.68 -7.21 12.55
C LEU B 150 10.38 -7.71 11.28
N CYS B 151 9.80 -7.43 10.09
CA CYS B 151 10.43 -7.73 8.81
C CYS B 151 11.43 -6.59 8.59
N ASP B 152 12.65 -6.77 9.13
CA ASP B 152 13.68 -5.72 9.14
C ASP B 152 15.03 -6.07 8.46
N GLY B 153 15.11 -7.22 7.79
CA GLY B 153 16.36 -7.62 7.13
C GLY B 153 17.24 -8.56 7.96
N THR B 154 16.97 -8.68 9.27
CA THR B 154 17.68 -9.60 10.17
C THR B 154 17.04 -10.98 10.11
N ASN B 155 17.83 -12.05 10.45
CA ASN B 155 17.32 -13.44 10.49
C ASN B 155 16.67 -13.90 9.20
N GLY B 156 17.26 -13.51 8.07
CA GLY B 156 16.76 -13.87 6.75
C GLY B 156 15.46 -13.20 6.32
N THR B 157 14.95 -12.22 7.09
CA THR B 157 13.69 -11.53 6.74
C THR B 157 13.88 -10.48 5.65
N GLU B 158 12.78 -10.09 4.98
CA GLU B 158 12.77 -8.99 4.03
C GLU B 158 12.76 -7.73 4.88
N ASN B 159 13.41 -6.66 4.44
CA ASN B 159 13.38 -5.41 5.20
C ASN B 159 12.24 -4.57 4.61
N LEU B 160 11.07 -4.60 5.26
CA LEU B 160 9.86 -3.93 4.79
C LEU B 160 9.60 -2.57 5.44
N LYS B 161 10.54 -2.11 6.29
CA LYS B 161 10.42 -0.84 7.02
C LYS B 161 10.30 0.33 6.07
N GLY B 162 9.27 1.15 6.24
CA GLY B 162 9.03 2.32 5.38
C GLY B 162 8.58 2.03 3.96
N SER B 163 8.23 0.76 3.66
CA SER B 163 7.81 0.43 2.30
C SER B 163 6.31 0.30 2.11
N PHE B 164 5.87 0.64 0.89
CA PHE B 164 4.53 0.39 0.35
C PHE B 164 4.70 -0.92 -0.44
N ILE B 165 3.89 -1.92 -0.17
CA ILE B 165 4.02 -3.15 -0.94
C ILE B 165 3.38 -3.03 -2.36
N VAL B 166 4.04 -3.59 -3.35
CA VAL B 166 3.52 -3.72 -4.70
C VAL B 166 3.54 -5.20 -5.11
N GLY B 167 2.49 -5.62 -5.79
CA GLY B 167 2.32 -7.01 -6.21
C GLY B 167 3.31 -7.46 -7.26
N TYR B 168 3.97 -8.59 -6.99
CA TYR B 168 4.87 -9.29 -7.90
C TYR B 168 4.12 -9.50 -9.22
N ASP B 169 4.82 -9.31 -10.34
CA ASP B 169 4.23 -9.45 -11.67
C ASP B 169 5.31 -10.06 -12.56
N PRO B 170 5.19 -11.35 -12.95
CA PRO B 170 6.26 -11.97 -13.75
C PRO B 170 6.53 -11.28 -15.08
N ASN B 171 5.58 -10.51 -15.61
CA ASN B 171 5.67 -9.84 -16.90
C ASN B 171 6.08 -8.36 -16.88
N ASP B 172 6.40 -7.83 -15.69
CA ASP B 172 6.79 -6.43 -15.53
C ASP B 172 8.17 -6.40 -14.93
N SER B 173 9.16 -5.84 -15.68
CA SER B 173 10.55 -5.77 -15.21
C SER B 173 10.73 -5.00 -13.91
N ASP B 174 9.77 -4.12 -13.55
CA ASP B 174 9.83 -3.40 -12.28
C ASP B 174 9.53 -4.32 -11.11
N TYR B 175 8.67 -5.33 -11.34
CA TYR B 175 8.15 -6.19 -10.26
C TYR B 175 8.32 -7.69 -10.48
N ASN B 176 9.26 -8.12 -11.34
CA ASN B 176 9.39 -9.55 -11.68
C ASN B 176 10.27 -10.39 -10.80
N ALA B 177 10.61 -9.89 -9.61
CA ALA B 177 11.32 -10.65 -8.59
C ALA B 177 10.91 -10.11 -7.24
N ILE B 178 10.81 -11.02 -6.25
CA ILE B 178 10.54 -10.63 -4.87
C ILE B 178 11.70 -9.71 -4.45
N GLY B 179 11.39 -8.61 -3.79
CA GLY B 179 12.43 -7.72 -3.29
C GLY B 179 12.84 -6.60 -4.21
N LYS B 180 12.32 -6.52 -5.44
CA LYS B 180 12.60 -5.39 -6.32
C LYS B 180 11.96 -4.15 -5.71
N VAL B 181 12.75 -3.06 -5.66
CA VAL B 181 12.38 -1.79 -5.05
C VAL B 181 12.46 -0.64 -6.02
N GLY B 182 11.87 0.48 -5.63
CA GLY B 182 11.87 1.72 -6.38
C GLY B 182 11.03 2.74 -5.67
N GLY B 183 10.63 3.77 -6.40
CA GLY B 183 9.79 4.84 -5.89
C GLY B 183 10.55 5.82 -5.00
N THR B 184 9.91 6.98 -4.73
CA THR B 184 10.50 8.02 -3.87
C THR B 184 9.41 8.63 -3.01
N LYS B 185 9.78 9.08 -1.81
CA LYS B 185 8.86 9.71 -0.89
C LYS B 185 8.43 11.09 -1.42
N LYS B 186 9.42 11.83 -1.95
CA LYS B 186 9.18 13.18 -2.45
C LYS B 186 9.55 13.25 -3.92
N VAL B 187 9.05 14.26 -4.62
CA VAL B 187 9.39 14.52 -6.03
C VAL B 187 9.34 16.03 -6.22
N THR B 188 10.13 16.54 -7.17
CA THR B 188 10.10 17.97 -7.49
C THR B 188 9.67 18.09 -8.97
N PRO B 189 8.55 18.77 -9.27
CA PRO B 189 8.16 18.90 -10.69
C PRO B 189 9.19 19.77 -11.43
N SER B 190 9.40 19.47 -12.70
CA SER B 190 10.33 20.25 -13.53
C SER B 190 9.67 20.42 -14.89
N GLY B 191 10.13 21.42 -15.63
CA GLY B 191 9.57 21.63 -16.95
C GLY B 191 10.20 22.83 -17.60
N ASN B 192 9.75 23.11 -18.81
CA ASN B 192 10.29 24.21 -19.62
C ASN B 192 9.24 25.18 -20.09
N LEU B 193 9.67 26.41 -20.32
CA LEU B 193 8.81 27.43 -20.87
C LEU B 193 9.24 27.69 -22.31
N ASP B 194 8.27 27.97 -23.19
CA ASP B 194 8.63 28.29 -24.57
C ASP B 194 9.18 29.73 -24.59
N SER B 195 9.74 30.14 -25.72
CA SER B 195 10.27 31.49 -25.88
C SER B 195 9.20 32.39 -26.51
N ARG B 196 9.02 33.59 -25.97
CA ARG B 196 8.01 34.53 -26.44
C ARG B 196 8.59 35.92 -26.60
N SER B 197 7.96 36.71 -27.46
CA SER B 197 8.32 38.09 -27.72
C SER B 197 7.13 38.96 -27.30
N ILE B 198 7.38 40.26 -27.13
CA ILE B 198 6.32 41.25 -26.90
C ILE B 198 6.41 42.21 -28.08
N ASN B 199 5.36 42.99 -28.30
CA ASN B 199 5.36 44.05 -29.29
C ASN B 199 5.27 45.38 -28.54
N VAL B 200 5.94 46.40 -29.07
CA VAL B 200 5.86 47.75 -28.54
C VAL B 200 5.76 48.69 -29.73
N THR B 201 4.92 49.73 -29.64
CA THR B 201 4.72 50.69 -30.72
C THR B 201 5.42 51.98 -30.40
N VAL B 202 6.41 52.33 -31.22
CA VAL B 202 7.14 53.59 -31.03
C VAL B 202 6.41 54.61 -31.88
N PRO B 203 5.84 55.66 -31.27
CA PRO B 203 5.11 56.64 -32.09
C PRO B 203 6.04 57.60 -32.84
N ARG B 204 5.61 58.02 -34.05
CA ARG B 204 6.32 59.03 -34.83
C ARG B 204 5.96 60.42 -34.28
N ASP B 205 4.79 60.54 -33.58
CA ASP B 205 4.26 61.77 -33.00
C ASP B 205 4.40 61.83 -31.48
N GLY B 206 4.28 63.04 -30.93
CA GLY B 206 4.27 63.28 -29.48
C GLY B 206 5.60 63.46 -28.80
N TRP B 207 6.65 63.76 -29.59
CA TRP B 207 8.00 63.91 -29.05
C TRP B 207 8.24 65.30 -28.42
N SER B 208 7.23 66.19 -28.52
CA SER B 208 7.30 67.57 -28.03
C SER B 208 8.44 68.33 -28.74
N THR B 209 8.77 69.52 -28.28
CA THR B 209 9.86 70.30 -28.89
C THR B 209 10.69 70.94 -27.79
N PHE B 210 11.92 71.33 -28.13
CA PHE B 210 12.82 72.02 -27.22
C PHE B 210 13.49 73.12 -28.03
N GLY B 211 13.71 74.29 -27.42
CA GLY B 211 14.43 75.39 -28.06
C GLY B 211 13.74 76.04 -29.23
N SER B 212 14.51 76.67 -30.12
CA SER B 212 13.95 77.40 -31.27
C SER B 212 14.41 76.87 -32.62
N GLY B 213 14.15 77.62 -33.69
CA GLY B 213 14.55 77.27 -35.05
C GLY B 213 16.04 77.02 -35.17
N LEU B 214 16.43 76.35 -36.25
CA LEU B 214 17.83 75.98 -36.45
C LEU B 214 18.63 77.05 -37.22
N GLY B 215 19.66 77.66 -36.60
CA GLY B 215 20.10 77.40 -35.23
C GLY B 215 20.83 76.07 -35.14
N ALA B 216 20.83 75.46 -33.96
CA ALA B 216 21.49 74.16 -33.81
C ALA B 216 20.67 73.22 -32.96
N VAL B 217 20.92 71.91 -33.10
CA VAL B 217 20.27 70.86 -32.29
C VAL B 217 21.42 70.01 -31.76
N LYS B 218 21.34 69.57 -30.48
CA LYS B 218 22.33 68.69 -29.86
C LYS B 218 22.65 67.54 -30.82
N SER B 219 23.96 67.24 -31.00
CA SER B 219 24.40 66.15 -31.87
C SER B 219 23.75 64.81 -31.42
N GLY B 220 23.13 64.08 -32.36
CA GLY B 220 22.50 62.80 -32.06
C GLY B 220 21.12 62.85 -31.42
N ARG B 221 20.56 64.06 -31.27
CA ARG B 221 19.22 64.29 -30.75
C ARG B 221 18.21 64.31 -31.91
N ILE B 222 17.10 63.56 -31.78
CA ILE B 222 16.04 63.51 -32.79
C ILE B 222 15.51 64.92 -33.13
N VAL B 223 15.36 65.18 -34.44
CA VAL B 223 14.79 66.43 -34.94
C VAL B 223 13.32 66.14 -35.27
N VAL B 224 12.45 67.08 -34.90
CA VAL B 224 11.00 67.00 -35.12
C VAL B 224 10.49 68.22 -35.88
N GLY B 225 9.25 68.12 -36.35
CA GLY B 225 8.55 69.26 -36.95
C GLY B 225 8.21 70.30 -35.90
N SER B 226 8.19 71.59 -36.29
CA SER B 226 7.82 72.68 -35.38
C SER B 226 6.31 72.98 -35.56
N GLY B 227 5.75 72.51 -36.66
CA GLY B 227 4.35 72.75 -37.02
C GLY B 227 4.23 73.96 -37.93
N GLN B 228 5.28 74.81 -37.94
CA GLN B 228 5.33 76.04 -38.74
C GLN B 228 5.94 75.83 -40.12
N GLN B 229 5.44 76.58 -41.11
CA GLN B 229 5.93 76.53 -42.49
C GLN B 229 7.36 77.07 -42.53
N GLU B 230 8.18 76.58 -43.46
CA GLU B 230 9.54 77.11 -43.56
C GLU B 230 9.47 78.49 -44.22
N ASN B 231 10.20 79.48 -43.67
CA ASN B 231 10.22 80.84 -44.17
C ASN B 231 11.16 80.97 -45.37
N SER B 232 10.62 81.48 -46.50
CA SER B 232 11.34 81.75 -47.75
C SER B 232 12.09 80.58 -48.44
N GLU B 233 12.28 79.45 -47.74
CA GLU B 233 13.03 78.33 -48.27
C GLU B 233 12.25 77.01 -48.34
N TYR B 234 12.61 76.14 -49.30
CA TYR B 234 12.00 74.83 -49.46
C TYR B 234 13.02 73.69 -49.30
N LEU B 235 12.84 72.86 -48.26
CA LEU B 235 13.74 71.77 -47.89
C LEU B 235 13.32 70.44 -48.48
N GLU B 236 13.92 70.12 -49.63
CA GLU B 236 13.66 68.90 -50.39
C GLU B 236 14.30 67.64 -49.77
N SER B 237 15.35 67.82 -48.95
CA SER B 237 16.10 66.69 -48.33
C SER B 237 15.37 66.05 -47.15
N LEU B 238 14.26 66.65 -46.68
CA LEU B 238 13.53 66.18 -45.51
C LEU B 238 12.06 65.89 -45.76
N ARG B 239 11.51 65.05 -44.89
CA ARG B 239 10.08 64.74 -44.85
C ARG B 239 9.67 64.41 -43.47
N ALA B 240 8.35 64.51 -43.23
CA ALA B 240 7.77 64.00 -42.01
C ALA B 240 7.94 62.47 -42.09
N SER B 241 8.16 61.82 -40.94
CA SER B 241 8.14 60.36 -40.83
C SER B 241 6.72 59.91 -41.24
N GLY B 242 6.61 58.72 -41.84
CA GLY B 242 5.33 58.23 -42.35
C GLY B 242 4.50 57.33 -41.44
N ILE B 243 5.15 56.51 -40.61
CA ILE B 243 4.43 55.52 -39.80
C ILE B 243 4.95 55.44 -38.37
N ASP B 244 4.12 54.85 -37.48
CA ASP B 244 4.55 54.48 -36.14
C ASP B 244 5.30 53.17 -36.36
N ARG B 245 6.09 52.75 -35.38
CA ARG B 245 6.83 51.50 -35.55
C ARG B 245 6.45 50.50 -34.50
N THR B 246 5.68 49.44 -34.87
CA THR B 246 5.35 48.35 -33.95
C THR B 246 6.49 47.36 -34.10
N LEU B 247 7.31 47.23 -33.06
CA LEU B 247 8.52 46.42 -33.01
C LEU B 247 8.29 45.15 -32.24
N THR B 248 8.96 44.08 -32.66
CA THR B 248 8.88 42.81 -31.96
C THR B 248 10.17 42.60 -31.20
N SER B 249 10.05 42.31 -29.90
CA SER B 249 11.23 42.05 -29.08
C SER B 249 11.92 40.76 -29.46
N THR B 250 13.20 40.63 -29.08
CA THR B 250 13.92 39.40 -29.31
C THR B 250 13.21 38.41 -28.36
N PRO B 251 13.10 37.13 -28.73
CA PRO B 251 12.43 36.18 -27.83
C PRO B 251 13.13 36.03 -26.47
N HIS B 252 12.35 35.65 -25.46
CA HIS B 252 12.89 35.39 -24.12
C HIS B 252 12.10 34.23 -23.52
N SER B 253 12.68 33.58 -22.53
CA SER B 253 12.04 32.49 -21.81
C SER B 253 12.33 32.74 -20.31
N HIS B 254 11.93 31.80 -19.44
CA HIS B 254 12.19 31.89 -18.00
C HIS B 254 12.54 30.50 -17.54
N THR B 255 13.24 30.40 -16.41
CA THR B 255 13.58 29.10 -15.84
C THR B 255 12.50 28.79 -14.79
N PHE B 256 11.96 27.56 -14.84
CA PHE B 256 11.01 27.10 -13.84
C PHE B 256 11.80 26.36 -12.75
N THR B 257 11.55 26.70 -11.49
CA THR B 257 12.15 26.01 -10.33
C THR B 257 10.96 25.45 -9.53
N GLY B 258 10.80 24.14 -9.56
CA GLY B 258 9.69 23.52 -8.83
C GLY B 258 9.92 23.43 -7.34
N ASN B 259 8.81 23.37 -6.58
CA ASN B 259 8.86 23.17 -5.13
C ASN B 259 8.69 21.67 -4.92
N GLN B 260 9.42 21.11 -3.94
CA GLN B 260 9.28 19.67 -3.61
C GLN B 260 7.83 19.39 -3.17
N GLN B 261 7.31 18.20 -3.55
CA GLN B 261 5.97 17.81 -3.15
C GLN B 261 6.02 16.37 -2.62
N ASP B 262 5.02 16.01 -1.84
CA ASP B 262 4.93 14.67 -1.25
C ASP B 262 4.32 13.69 -2.31
N ASN B 263 5.10 12.67 -2.68
CA ASN B 263 4.68 11.70 -3.72
C ASN B 263 3.77 10.59 -3.16
N ARG B 264 3.50 10.62 -1.87
CA ARG B 264 2.73 9.54 -1.22
C ARG B 264 1.25 9.74 -1.25
N ALA B 265 0.53 8.67 -1.60
CA ALA B 265 -0.92 8.60 -1.55
C ALA B 265 -1.30 8.46 -0.03
N PRO B 266 -2.59 8.62 0.36
CA PRO B 266 -2.93 8.56 1.82
C PRO B 266 -2.50 7.26 2.42
N TYR B 267 -1.63 7.38 3.45
CA TYR B 267 -1.01 6.22 4.06
C TYR B 267 -1.35 6.02 5.50
N TYR B 268 -1.16 4.79 5.98
CA TYR B 268 -1.43 4.42 7.35
C TYR B 268 -0.31 3.45 7.76
N THR B 269 0.40 3.77 8.84
CA THR B 269 1.55 2.98 9.25
C THR B 269 1.09 1.76 10.06
N LEU B 270 1.52 0.59 9.57
CA LEU B 270 1.33 -0.68 10.27
C LEU B 270 2.64 -1.41 10.27
N ALA B 271 2.90 -2.26 11.27
CA ALA B 271 4.15 -3.02 11.22
C ALA B 271 3.98 -4.29 10.39
N TYR B 272 5.01 -4.65 9.64
CA TYR B 272 5.10 -5.93 8.94
C TYR B 272 5.90 -6.86 9.81
N ILE B 273 5.27 -7.92 10.28
CA ILE B 273 5.93 -8.89 11.15
C ILE B 273 5.91 -10.26 10.52
N ILE B 274 6.77 -11.16 11.02
CA ILE B 274 6.79 -12.48 10.41
C ILE B 274 7.11 -13.53 11.47
N TYR B 275 6.56 -14.72 11.28
CA TYR B 275 6.80 -15.79 12.21
C TYR B 275 8.10 -16.53 11.81
N ILE B 276 9.01 -16.61 12.77
CA ILE B 276 10.29 -17.28 12.60
C ILE B 276 10.24 -18.67 13.26
N GLY B 277 9.83 -18.70 14.54
CA GLY B 277 9.74 -19.94 15.29
C GLY B 277 9.97 -19.73 16.77
N THR C 18 -20.08 -55.60 31.81
CA THR C 18 -20.67 -55.64 30.48
C THR C 18 -19.57 -55.43 29.43
N LEU C 19 -19.40 -56.39 28.50
CA LEU C 19 -18.38 -56.28 27.45
C LEU C 19 -18.98 -55.68 26.14
N ASN C 20 -20.16 -55.02 26.23
CA ASN C 20 -20.86 -54.45 25.08
C ASN C 20 -21.18 -52.95 25.21
N ALA C 21 -22.04 -52.55 26.18
CA ALA C 21 -22.45 -51.14 26.43
C ALA C 21 -21.26 -50.26 26.85
N MET C 22 -20.17 -50.92 27.26
CA MET C 22 -18.88 -50.38 27.69
C MET C 22 -17.96 -50.26 26.44
N GLN C 23 -17.98 -51.27 25.53
CA GLN C 23 -17.20 -51.25 24.29
C GLN C 23 -17.75 -50.15 23.36
N GLU C 24 -19.07 -49.90 23.47
CA GLU C 24 -19.85 -48.89 22.77
C GLU C 24 -19.51 -47.51 23.35
N ALA C 25 -19.23 -47.47 24.68
CA ALA C 25 -18.87 -46.27 25.43
C ALA C 25 -17.51 -45.74 24.96
N TYR C 26 -16.47 -46.60 24.88
CA TYR C 26 -15.17 -46.10 24.40
C TYR C 26 -15.06 -45.94 22.90
N SER C 27 -15.92 -46.65 22.10
CA SER C 27 -15.89 -46.53 20.64
C SER C 27 -16.17 -45.12 20.15
N VAL C 28 -16.99 -44.32 20.90
CA VAL C 28 -17.31 -42.93 20.55
C VAL C 28 -16.03 -42.08 20.35
N PHE C 29 -14.95 -42.39 21.08
CA PHE C 29 -13.66 -41.66 21.03
C PHE C 29 -13.01 -41.70 19.67
N ASN C 30 -13.41 -42.68 18.82
CA ASN C 30 -12.94 -42.73 17.44
C ASN C 30 -13.29 -41.46 16.69
N ALA C 31 -14.47 -40.86 17.00
CA ALA C 31 -14.93 -39.63 16.36
C ALA C 31 -13.96 -38.45 16.59
N LEU C 32 -13.17 -38.48 17.71
CA LEU C 32 -12.18 -37.44 17.98
C LEU C 32 -11.08 -37.36 16.90
N GLY C 33 -10.89 -38.45 16.15
CA GLY C 33 -9.98 -38.47 15.01
C GLY C 33 -10.43 -37.50 13.92
N GLU C 34 -11.74 -37.16 13.87
CA GLU C 34 -12.25 -36.17 12.90
C GLU C 34 -11.64 -34.77 13.14
N LEU C 35 -11.16 -34.49 14.39
CA LEU C 35 -10.48 -33.22 14.69
C LEU C 35 -9.20 -33.12 13.83
N ALA C 36 -8.56 -34.27 13.56
CA ALA C 36 -7.38 -34.33 12.71
C ALA C 36 -7.80 -34.33 11.24
N GLY C 37 -8.84 -35.09 10.93
CA GLY C 37 -9.39 -35.22 9.58
C GLY C 37 -9.05 -36.56 8.97
N ASN C 38 -9.82 -36.95 7.93
CA ASN C 38 -9.62 -38.20 7.22
C ASN C 38 -8.22 -38.35 6.65
N LYS C 39 -7.62 -39.54 6.84
CA LYS C 39 -6.27 -39.89 6.40
C LYS C 39 -5.18 -39.06 7.07
N ALA C 40 -5.44 -38.60 8.31
CA ALA C 40 -4.41 -37.89 9.05
C ALA C 40 -3.43 -38.85 9.67
N ILE C 41 -2.16 -38.45 9.74
CA ILE C 41 -1.17 -39.14 10.52
C ILE C 41 -1.31 -38.46 11.92
N ILE C 42 -1.76 -39.23 12.92
CA ILE C 42 -2.00 -38.72 14.30
C ILE C 42 -0.67 -38.61 15.05
N LYS C 43 0.15 -39.66 14.92
CA LYS C 43 1.40 -39.85 15.63
C LYS C 43 2.36 -40.71 14.78
N GLY C 44 3.67 -40.47 14.93
CA GLY C 44 4.73 -41.23 14.27
C GLY C 44 4.71 -41.16 12.76
N CYS C 45 4.93 -42.32 12.10
CA CYS C 45 4.97 -42.49 10.63
C CYS C 45 5.96 -41.50 9.99
N VAL C 46 7.18 -41.49 10.52
CA VAL C 46 8.23 -40.55 10.08
C VAL C 46 9.27 -41.27 9.25
N VAL C 47 9.77 -40.57 8.22
CA VAL C 47 10.83 -41.11 7.36
C VAL C 47 12.12 -41.16 8.20
N SER C 48 12.61 -42.38 8.45
CA SER C 48 13.85 -42.64 9.16
C SER C 48 14.75 -43.41 8.20
N GLY C 49 15.30 -42.66 7.23
CA GLY C 49 16.13 -43.19 6.16
C GLY C 49 15.26 -43.73 5.04
N SER C 50 15.32 -45.07 4.83
CA SER C 50 14.58 -45.82 3.81
C SER C 50 13.28 -46.40 4.36
N THR C 51 13.08 -46.29 5.68
CA THR C 51 11.90 -46.82 6.36
C THR C 51 10.97 -45.71 6.85
N THR C 52 9.71 -46.08 7.11
CA THR C 52 8.71 -45.24 7.72
C THR C 52 8.43 -45.87 9.07
N THR C 53 8.52 -45.06 10.14
CA THR C 53 8.27 -45.52 11.52
C THR C 53 6.80 -45.89 11.73
N ASP C 54 6.54 -46.67 12.80
CA ASP C 54 5.22 -47.03 13.27
C ASP C 54 4.50 -45.75 13.76
N GLY C 55 3.20 -45.85 13.94
CA GLY C 55 2.42 -44.71 14.40
C GLY C 55 0.95 -44.99 14.60
N VAL C 56 0.14 -43.94 14.39
CA VAL C 56 -1.31 -43.98 14.54
C VAL C 56 -1.88 -43.10 13.46
N VAL C 57 -2.87 -43.63 12.76
CA VAL C 57 -3.51 -42.92 11.66
C VAL C 57 -5.02 -42.94 11.87
N TYR C 58 -5.72 -42.07 11.16
CA TYR C 58 -7.15 -42.00 11.24
C TYR C 58 -7.71 -42.16 9.84
N ILE C 59 -8.59 -43.15 9.63
CA ILE C 59 -9.20 -43.42 8.31
C ILE C 59 -10.65 -43.76 8.53
N ASN C 60 -11.52 -43.11 7.76
CA ASN C 60 -12.97 -43.36 7.74
C ASN C 60 -13.61 -43.61 9.11
N GLY C 61 -13.43 -42.65 10.02
CA GLY C 61 -14.04 -42.70 11.35
C GLY C 61 -13.39 -43.60 12.37
N GLU C 62 -12.20 -44.14 12.07
CA GLU C 62 -11.55 -45.04 13.01
C GLU C 62 -10.06 -44.74 13.18
N VAL C 63 -9.62 -44.76 14.45
CA VAL C 63 -8.24 -44.57 14.84
C VAL C 63 -7.56 -45.93 14.76
N PHE C 64 -6.49 -46.03 13.96
CA PHE C 64 -5.74 -47.28 13.76
C PHE C 64 -4.29 -47.16 14.14
N LYS C 65 -3.72 -48.27 14.64
CA LYS C 65 -2.29 -48.40 14.84
C LYS C 65 -1.72 -48.61 13.45
N PHE C 66 -0.60 -47.94 13.15
CA PHE C 66 0.10 -48.07 11.88
C PHE C 66 1.38 -48.87 12.10
N VAL C 67 1.51 -50.00 11.38
CA VAL C 67 2.71 -50.83 11.44
C VAL C 67 3.60 -50.38 10.26
N GLY C 68 4.81 -49.94 10.59
CA GLY C 68 5.75 -49.46 9.60
C GLY C 68 6.61 -50.53 8.94
N GLY C 69 7.63 -50.08 8.25
CA GLY C 69 8.60 -50.91 7.54
C GLY C 69 9.25 -50.09 6.45
N GLN C 70 9.67 -50.75 5.36
CA GLN C 70 10.29 -50.06 4.23
C GLN C 70 9.25 -49.15 3.56
N THR C 71 9.54 -47.84 3.45
CA THR C 71 8.64 -46.85 2.85
C THR C 71 8.02 -47.39 1.55
N GLN C 72 6.74 -47.80 1.60
CA GLN C 72 5.99 -48.31 0.44
C GLN C 72 5.12 -47.16 -0.04
N SER C 73 4.60 -47.25 -1.28
CA SER C 73 3.79 -46.19 -1.87
C SER C 73 2.30 -46.22 -1.49
N ARG C 74 1.82 -47.39 -1.01
CA ARG C 74 0.42 -47.60 -0.64
C ARG C 74 0.28 -48.35 0.68
N VAL C 75 -0.90 -48.25 1.30
CA VAL C 75 -1.22 -48.89 2.59
C VAL C 75 -2.60 -49.54 2.54
N LYS C 76 -2.89 -50.48 3.45
CA LYS C 76 -4.20 -51.10 3.57
C LYS C 76 -4.60 -51.21 5.01
N ILE C 77 -5.91 -51.33 5.27
CA ILE C 77 -6.43 -51.69 6.60
C ILE C 77 -6.46 -53.24 6.55
N LEU C 78 -5.71 -53.89 7.45
CA LEU C 78 -5.65 -55.36 7.53
C LEU C 78 -6.34 -55.82 8.79
N GLU C 79 -6.77 -57.11 8.83
CA GLU C 79 -7.44 -57.71 9.99
C GLU C 79 -6.45 -58.43 10.89
N PHE C 96 -12.44 -52.28 7.51
CA PHE C 96 -12.16 -53.27 8.57
C PHE C 96 -11.78 -52.63 9.93
N GLU C 97 -11.31 -53.43 10.92
CA GLU C 97 -11.00 -52.88 12.25
C GLU C 97 -9.75 -53.37 13.03
N ARG C 98 -8.62 -53.68 12.35
CA ARG C 98 -7.44 -54.09 13.13
C ARG C 98 -6.21 -53.16 13.07
N TYR C 99 -5.57 -52.97 11.89
CA TYR C 99 -4.43 -52.06 11.80
C TYR C 99 -4.16 -51.64 10.35
N VAL C 100 -3.24 -50.69 10.18
CA VAL C 100 -2.84 -50.20 8.87
C VAL C 100 -1.38 -50.49 8.68
N THR C 101 -1.02 -50.90 7.46
CA THR C 101 0.36 -51.14 7.12
C THR C 101 0.56 -50.99 5.62
N PHE C 102 1.81 -50.99 5.18
CA PHE C 102 2.16 -50.89 3.78
C PHE C 102 1.72 -52.16 3.05
N ALA C 103 0.95 -51.98 1.97
CA ALA C 103 0.41 -53.05 1.11
C ALA C 103 -0.20 -52.38 -0.10
N SER C 104 -0.10 -53.03 -1.27
CA SER C 104 -0.60 -52.49 -2.52
C SER C 104 -1.71 -53.39 -3.07
N GLY C 105 -2.25 -53.06 -4.24
CA GLY C 105 -3.34 -53.84 -4.83
C GLY C 105 -4.72 -53.35 -4.44
N THR C 106 -5.76 -54.07 -4.91
CA THR C 106 -7.17 -53.77 -4.64
C THR C 106 -7.40 -53.52 -3.14
N GLY C 107 -8.00 -52.36 -2.79
CA GLY C 107 -8.23 -51.98 -1.40
C GLY C 107 -7.18 -51.04 -0.81
N SER C 108 -6.02 -50.94 -1.45
CA SER C 108 -4.95 -50.08 -0.96
C SER C 108 -5.21 -48.60 -1.20
N ILE C 109 -4.59 -47.76 -0.36
CA ILE C 109 -4.74 -46.31 -0.38
C ILE C 109 -3.38 -45.71 -0.58
N SER C 110 -3.30 -44.69 -1.47
CA SER C 110 -2.07 -43.95 -1.73
C SER C 110 -1.54 -43.42 -0.37
N TRP C 111 -0.29 -43.72 -0.01
CA TRP C 111 0.33 -43.28 1.23
C TRP C 111 0.51 -41.75 1.25
N ALA C 112 0.65 -41.15 0.05
CA ALA C 112 0.79 -39.71 -0.18
C ALA C 112 -0.48 -38.92 0.21
N GLU C 113 -1.64 -39.60 0.31
CA GLU C 113 -2.90 -39.00 0.72
C GLU C 113 -2.96 -38.79 2.26
N PHE C 114 -2.01 -39.41 3.00
CA PHE C 114 -1.92 -39.28 4.46
C PHE C 114 -1.08 -38.05 4.78
N ALA C 115 -1.61 -37.19 5.65
CA ALA C 115 -0.96 -35.93 5.98
C ALA C 115 -0.44 -35.86 7.40
N LYS C 116 0.77 -35.31 7.56
CA LYS C 116 1.38 -35.07 8.87
C LYS C 116 0.74 -33.75 9.32
N LEU C 117 0.50 -33.58 10.62
CA LEU C 117 -0.17 -32.39 11.09
C LEU C 117 0.71 -31.46 11.89
N THR C 118 0.35 -30.17 11.90
CA THR C 118 0.95 -29.19 12.78
C THR C 118 0.14 -29.33 14.09
N THR C 119 0.82 -29.29 15.24
CA THR C 119 0.11 -29.43 16.53
C THR C 119 -0.70 -28.18 16.88
N LEU C 120 -1.67 -28.34 17.78
CA LEU C 120 -2.45 -27.19 18.27
C LEU C 120 -1.56 -26.19 19.00
N ARG C 121 -0.50 -26.70 19.66
CA ARG C 121 0.49 -25.86 20.36
C ARG C 121 1.17 -24.91 19.35
N GLU C 122 1.60 -25.47 18.19
CA GLU C 122 2.23 -24.68 17.14
C GLU C 122 1.24 -23.70 16.46
N LEU C 123 0.00 -24.16 16.20
CA LEU C 123 -1.04 -23.31 15.62
C LEU C 123 -1.37 -22.14 16.56
N SER C 124 -1.34 -22.38 17.89
CA SER C 124 -1.59 -21.35 18.90
C SER C 124 -0.50 -20.28 18.89
N ARG C 125 0.75 -20.70 18.68
CA ARG C 125 1.93 -19.83 18.59
C ARG C 125 1.90 -18.94 17.35
N ARG C 126 1.29 -19.44 16.27
CA ARG C 126 1.18 -18.74 15.00
C ARG C 126 -0.09 -17.87 14.95
N LEU C 127 -0.86 -17.88 16.05
CA LEU C 127 -2.07 -17.10 16.15
C LEU C 127 -1.78 -15.77 16.83
N LEU C 128 -1.98 -14.66 16.09
CA LEU C 128 -1.73 -13.33 16.66
C LEU C 128 -2.90 -12.90 17.56
N PRO C 129 -2.68 -12.06 18.58
CA PRO C 129 -3.80 -11.65 19.45
C PRO C 129 -4.94 -10.98 18.66
N ALA C 130 -6.22 -11.23 19.06
CA ALA C 130 -7.37 -10.61 18.40
C ALA C 130 -7.18 -9.10 18.44
N GLY C 131 -7.61 -8.45 17.37
CA GLY C 131 -7.50 -7.01 17.20
C GLY C 131 -6.15 -6.47 16.82
N THR C 132 -5.14 -7.33 16.56
CA THR C 132 -3.80 -6.81 16.20
C THR C 132 -3.38 -7.15 14.77
N ASN C 133 -4.17 -7.95 14.07
CA ASN C 133 -3.77 -8.50 12.78
C ASN C 133 -4.72 -8.25 11.60
N PRO C 134 -4.71 -7.03 11.01
CA PRO C 134 -5.57 -6.78 9.85
C PRO C 134 -5.26 -7.78 8.72
N GLN C 135 -6.29 -8.17 7.98
CA GLN C 135 -6.20 -9.13 6.87
C GLN C 135 -6.82 -8.56 5.60
N LEU C 136 -6.24 -8.91 4.44
CA LEU C 136 -6.77 -8.56 3.12
C LEU C 136 -7.97 -9.45 2.86
N TYR C 137 -9.04 -8.87 2.30
CA TYR C 137 -10.28 -9.61 2.05
C TYR C 137 -10.86 -9.23 0.69
N SER C 138 -11.10 -10.26 -0.12
CA SER C 138 -11.63 -10.13 -1.48
C SER C 138 -13.01 -10.78 -1.64
N GLY C 139 -13.57 -11.29 -0.54
CA GLY C 139 -14.90 -11.87 -0.54
C GLY C 139 -15.98 -10.79 -0.53
N SER C 140 -17.25 -11.19 -0.31
CA SER C 140 -18.35 -10.23 -0.27
C SER C 140 -18.28 -9.31 0.94
N VAL C 141 -18.27 -7.99 0.68
CA VAL C 141 -18.23 -6.96 1.74
C VAL C 141 -19.53 -6.92 2.57
N ASN C 142 -20.61 -7.52 2.02
CA ASN C 142 -21.92 -7.60 2.67
C ASN C 142 -22.07 -8.89 3.48
N ASN C 143 -21.10 -9.81 3.35
CA ASN C 143 -21.09 -11.08 4.07
C ASN C 143 -19.72 -11.32 4.76
N ILE C 144 -19.26 -10.34 5.56
CA ILE C 144 -18.01 -10.46 6.30
C ILE C 144 -18.19 -11.59 7.35
N PRO C 145 -17.28 -12.59 7.39
CA PRO C 145 -17.44 -13.69 8.35
C PRO C 145 -17.65 -13.33 9.81
N SER C 146 -18.36 -14.21 10.55
CA SER C 146 -18.68 -14.03 11.97
C SER C 146 -17.40 -13.85 12.82
N GLY C 147 -17.41 -12.86 13.71
CA GLY C 147 -16.26 -12.51 14.53
C GLY C 147 -15.32 -11.52 13.87
N TRP C 148 -15.50 -11.28 12.58
CA TRP C 148 -14.67 -10.32 11.81
C TRP C 148 -15.45 -9.04 11.52
N GLN C 149 -14.72 -7.95 11.33
CA GLN C 149 -15.33 -6.69 10.92
C GLN C 149 -14.35 -5.92 10.06
N LEU C 150 -14.84 -4.92 9.35
CA LEU C 150 -14.02 -4.01 8.56
C LEU C 150 -13.15 -3.18 9.53
N CYS C 151 -11.89 -2.88 9.16
CA CYS C 151 -11.03 -2.00 9.96
C CYS C 151 -11.49 -0.59 9.63
N ASP C 152 -12.47 -0.11 10.39
CA ASP C 152 -13.16 1.14 10.09
C ASP C 152 -13.17 2.17 11.19
N GLY C 153 -12.38 1.91 12.24
CA GLY C 153 -12.30 2.84 13.37
C GLY C 153 -13.27 2.56 14.49
N THR C 154 -14.28 1.70 14.24
CA THR C 154 -15.24 1.28 15.27
C THR C 154 -14.67 0.13 16.10
N ASN C 155 -15.14 -0.04 17.35
CA ASN C 155 -14.72 -1.11 18.27
C ASN C 155 -13.21 -1.18 18.47
N GLY C 156 -12.59 -0.01 18.58
CA GLY C 156 -11.16 0.15 18.78
C GLY C 156 -10.28 -0.22 17.62
N THR C 157 -10.86 -0.50 16.43
CA THR C 157 -10.08 -0.84 15.24
C THR C 157 -9.40 0.37 14.61
N GLU C 158 -8.38 0.12 13.76
CA GLU C 158 -7.72 1.15 12.98
C GLU C 158 -8.68 1.44 11.83
N ASN C 159 -8.78 2.70 11.38
CA ASN C 159 -9.65 2.99 10.24
C ASN C 159 -8.75 2.96 9.02
N LEU C 160 -8.76 1.83 8.29
CA LEU C 160 -7.90 1.63 7.12
C LEU C 160 -8.59 1.90 5.76
N LYS C 161 -9.84 2.37 5.80
CA LYS C 161 -10.61 2.70 4.60
C LYS C 161 -9.92 3.77 3.78
N GLY C 162 -9.73 3.49 2.48
CA GLY C 162 -9.08 4.42 1.56
C GLY C 162 -7.59 4.59 1.78
N SER C 163 -6.95 3.77 2.64
CA SER C 163 -5.51 3.93 2.89
C SER C 163 -4.64 2.91 2.19
N PHE C 164 -3.42 3.36 1.87
CA PHE C 164 -2.33 2.57 1.36
C PHE C 164 -1.46 2.26 2.58
N ILE C 165 -1.18 0.99 2.85
CA ILE C 165 -0.36 0.73 4.06
C ILE C 165 1.14 0.97 3.81
N VAL C 166 1.80 1.53 4.84
CA VAL C 166 3.24 1.72 4.82
C VAL C 166 3.84 1.04 6.05
N GLY C 167 4.96 0.36 5.87
CA GLY C 167 5.64 -0.34 6.95
C GLY C 167 6.22 0.57 8.02
N TYR C 168 5.89 0.26 9.28
CA TYR C 168 6.46 0.89 10.48
C TYR C 168 7.99 0.86 10.36
N ASP C 169 8.65 1.98 10.71
CA ASP C 169 10.11 2.08 10.64
C ASP C 169 10.52 2.83 11.91
N PRO C 170 11.17 2.19 12.91
CA PRO C 170 11.55 2.93 14.15
C PRO C 170 12.49 4.10 13.93
N ASN C 171 13.21 4.12 12.80
CA ASN C 171 14.19 5.16 12.46
C ASN C 171 13.71 6.29 11.57
N ASP C 172 12.41 6.30 11.21
CA ASP C 172 11.84 7.32 10.33
C ASP C 172 10.71 7.98 11.06
N SER C 173 10.84 9.31 11.33
CA SER C 173 9.81 10.08 12.04
C SER C 173 8.42 10.04 11.36
N ASP C 174 8.36 9.74 10.04
CA ASP C 174 7.08 9.61 9.35
C ASP C 174 6.36 8.33 9.75
N TYR C 175 7.11 7.29 10.09
CA TYR C 175 6.56 5.95 10.33
C TYR C 175 6.95 5.30 11.65
N ASN C 176 7.40 6.08 12.64
CA ASN C 176 7.90 5.49 13.89
C ASN C 176 6.89 5.24 15.00
N ALA C 177 5.60 5.22 14.67
CA ALA C 177 4.53 4.79 15.56
C ALA C 177 3.44 4.19 14.72
N ILE C 178 2.81 3.11 15.23
CA ILE C 178 1.68 2.50 14.56
C ILE C 178 0.61 3.60 14.39
N GLY C 179 0.02 3.65 13.20
CA GLY C 179 -1.06 4.58 12.93
C GLY C 179 -0.70 5.97 12.49
N LYS C 180 0.59 6.27 12.30
CA LYS C 180 0.98 7.58 11.76
C LYS C 180 0.49 7.63 10.31
N VAL C 181 -0.11 8.76 9.94
CA VAL C 181 -0.71 8.95 8.62
C VAL C 181 -0.11 10.18 7.90
N GLY C 182 -0.40 10.26 6.62
CA GLY C 182 0.05 11.36 5.77
C GLY C 182 -0.35 11.04 4.35
N GLY C 183 0.26 11.75 3.41
CA GLY C 183 -0.02 11.52 2.00
C GLY C 183 -1.32 12.15 1.55
N THR C 184 -1.51 12.26 0.24
CA THR C 184 -2.73 12.85 -0.34
C THR C 184 -3.07 12.12 -1.64
N LYS C 185 -4.35 12.11 -1.95
CA LYS C 185 -4.87 11.50 -3.17
C LYS C 185 -4.40 12.30 -4.39
N LYS C 186 -4.44 13.61 -4.26
CA LYS C 186 -4.04 14.50 -5.35
C LYS C 186 -2.97 15.46 -4.87
N VAL C 187 -2.26 16.06 -5.82
CA VAL C 187 -1.24 17.05 -5.54
C VAL C 187 -1.30 18.07 -6.65
N THR C 188 -0.94 19.32 -6.33
CA THR C 188 -0.87 20.38 -7.33
C THR C 188 0.60 20.85 -7.39
N PRO C 189 1.29 20.70 -8.54
CA PRO C 189 2.68 21.17 -8.61
C PRO C 189 2.73 22.70 -8.49
N SER C 190 3.77 23.18 -7.84
CA SER C 190 3.99 24.61 -7.66
C SER C 190 5.45 24.91 -7.96
N GLY C 191 5.72 26.16 -8.32
CA GLY C 191 7.08 26.53 -8.61
C GLY C 191 7.16 28.00 -8.94
N ASN C 192 8.38 28.44 -9.20
CA ASN C 192 8.63 29.86 -9.47
C ASN C 192 9.38 30.03 -10.76
N LEU C 193 9.18 31.20 -11.37
CA LEU C 193 9.91 31.58 -12.58
C LEU C 193 10.91 32.68 -12.18
N ASP C 194 12.08 32.68 -12.80
CA ASP C 194 13.05 33.75 -12.56
C ASP C 194 12.56 35.04 -13.25
N SER C 195 13.17 36.18 -12.90
CA SER C 195 12.84 37.46 -13.50
C SER C 195 13.79 37.70 -14.65
N ARG C 196 13.24 38.19 -15.78
CA ARG C 196 14.03 38.46 -16.97
C ARG C 196 13.67 39.83 -17.54
N SER C 197 14.64 40.48 -18.17
CA SER C 197 14.42 41.76 -18.84
C SER C 197 14.29 41.46 -20.33
N ILE C 198 13.47 42.24 -21.01
CA ILE C 198 13.23 42.04 -22.43
C ILE C 198 13.96 43.15 -23.19
N ASN C 199 14.60 42.82 -24.31
CA ASN C 199 15.26 43.82 -25.13
C ASN C 199 14.46 44.08 -26.37
N VAL C 200 14.44 45.34 -26.80
CA VAL C 200 13.81 45.70 -28.05
C VAL C 200 14.76 46.68 -28.77
N THR C 201 14.91 46.52 -30.08
CA THR C 201 15.79 47.38 -30.87
C THR C 201 14.94 48.37 -31.66
N VAL C 202 15.13 49.66 -31.42
CA VAL C 202 14.40 50.70 -32.16
C VAL C 202 15.25 51.05 -33.36
N PRO C 203 14.75 50.82 -34.58
CA PRO C 203 15.56 51.11 -35.77
C PRO C 203 15.59 52.61 -36.12
N ARG C 204 16.73 53.07 -36.64
CA ARG C 204 16.87 54.43 -37.12
C ARG C 204 16.21 54.53 -38.53
N ASP C 205 16.11 53.38 -39.25
CA ASP C 205 15.53 53.27 -40.60
C ASP C 205 14.15 52.61 -40.61
N GLY C 206 13.45 52.75 -41.73
CA GLY C 206 12.15 52.13 -41.98
C GLY C 206 10.94 52.92 -41.54
N TRP C 207 11.12 54.23 -41.26
CA TRP C 207 10.02 55.07 -40.79
C TRP C 207 9.12 55.56 -41.91
N SER C 208 9.49 55.26 -43.18
CA SER C 208 8.76 55.68 -44.38
C SER C 208 8.71 57.22 -44.41
N THR C 209 7.87 57.80 -45.28
CA THR C 209 7.74 59.26 -45.35
C THR C 209 6.26 59.61 -45.53
N PHE C 210 5.92 60.85 -45.21
CA PHE C 210 4.59 61.41 -45.42
C PHE C 210 4.77 62.84 -45.96
N GLY C 211 3.93 63.21 -46.91
CA GLY C 211 3.92 64.55 -47.48
C GLY C 211 5.09 64.90 -48.36
N SER C 212 5.33 66.21 -48.49
CA SER C 212 6.36 66.73 -49.38
C SER C 212 7.48 67.47 -48.61
N GLY C 213 8.31 68.20 -49.35
CA GLY C 213 9.39 69.03 -48.83
C GLY C 213 8.88 70.07 -47.84
N LEU C 214 9.79 70.60 -47.02
CA LEU C 214 9.42 71.55 -45.99
C LEU C 214 9.48 73.02 -46.48
N GLY C 215 8.33 73.73 -46.50
CA GLY C 215 7.03 73.24 -46.08
C GLY C 215 6.93 73.13 -44.58
N ALA C 216 6.05 72.22 -44.12
CA ALA C 216 5.84 72.03 -42.70
C ALA C 216 5.75 70.57 -42.35
N VAL C 217 6.10 70.25 -41.10
CA VAL C 217 6.00 68.92 -40.48
C VAL C 217 5.29 69.15 -39.18
N LYS C 218 4.30 68.29 -38.87
CA LYS C 218 3.51 68.32 -37.66
C LYS C 218 4.44 68.53 -36.46
N SER C 219 4.10 69.48 -35.56
CA SER C 219 4.87 69.73 -34.35
C SER C 219 5.04 68.44 -33.52
N GLY C 220 6.28 68.11 -33.13
CA GLY C 220 6.59 66.93 -32.34
C GLY C 220 6.63 65.61 -33.10
N ARG C 221 6.50 65.67 -34.43
CA ARG C 221 6.59 64.49 -35.31
C ARG C 221 8.06 64.33 -35.76
N ILE C 222 8.63 63.11 -35.67
CA ILE C 222 9.98 62.80 -36.14
C ILE C 222 10.17 63.20 -37.61
N VAL C 223 11.29 63.88 -37.90
CA VAL C 223 11.68 64.25 -39.27
C VAL C 223 12.65 63.17 -39.78
N VAL C 224 12.50 62.76 -41.04
CA VAL C 224 13.32 61.75 -41.69
C VAL C 224 13.92 62.28 -42.97
N GLY C 225 14.87 61.53 -43.53
CA GLY C 225 15.41 61.92 -44.82
C GLY C 225 14.43 61.60 -45.93
N SER C 226 14.50 62.36 -47.04
CA SER C 226 13.67 62.10 -48.21
C SER C 226 14.43 61.22 -49.20
N GLY C 227 15.75 61.13 -49.03
CA GLY C 227 16.64 60.39 -49.93
C GLY C 227 17.14 61.28 -51.05
N GLN C 228 16.57 62.49 -51.19
CA GLN C 228 16.94 63.46 -52.21
C GLN C 228 17.93 64.47 -51.67
N GLN C 229 18.79 64.97 -52.58
CA GLN C 229 19.78 65.99 -52.24
C GLN C 229 19.09 67.32 -51.97
N GLU C 230 19.59 68.11 -50.99
CA GLU C 230 18.99 69.42 -50.74
C GLU C 230 19.32 70.27 -51.96
N ASN C 231 18.32 70.94 -52.48
CA ASN C 231 18.41 71.70 -53.72
C ASN C 231 19.37 72.91 -53.73
N SER C 232 19.01 74.00 -53.06
CA SER C 232 19.86 75.19 -53.03
C SER C 232 20.51 75.37 -51.66
N GLU C 233 19.82 74.96 -50.60
CA GLU C 233 20.37 75.07 -49.25
C GLU C 233 21.37 73.96 -48.93
N TYR C 234 22.18 74.20 -47.89
CA TYR C 234 23.11 73.22 -47.36
C TYR C 234 22.87 73.21 -45.89
N LEU C 235 22.34 72.10 -45.41
CA LEU C 235 21.93 72.04 -44.03
C LEU C 235 23.02 71.41 -43.18
N GLU C 236 23.89 72.26 -42.64
CA GLU C 236 25.01 71.85 -41.79
C GLU C 236 24.56 71.54 -40.34
N SER C 237 23.39 72.04 -39.91
CA SER C 237 22.86 71.81 -38.55
C SER C 237 22.27 70.38 -38.34
N LEU C 238 22.20 69.59 -39.40
CA LEU C 238 21.57 68.26 -39.40
C LEU C 238 22.47 67.16 -39.91
N ARG C 239 22.15 65.93 -39.51
CA ARG C 239 22.81 64.74 -39.98
C ARG C 239 21.81 63.61 -39.96
N ALA C 240 22.14 62.54 -40.68
CA ALA C 240 21.42 61.28 -40.59
C ALA C 240 21.75 60.74 -39.19
N SER C 241 20.82 60.03 -38.57
CA SER C 241 21.07 59.33 -37.31
C SER C 241 22.14 58.23 -37.63
N GLY C 242 22.94 57.87 -36.64
CA GLY C 242 24.02 56.90 -36.84
C GLY C 242 23.77 55.46 -36.44
N ILE C 243 22.95 55.24 -35.40
CA ILE C 243 22.75 53.86 -34.90
C ILE C 243 21.31 53.52 -34.58
N ASP C 244 21.03 52.21 -34.49
CA ASP C 244 19.78 51.67 -33.96
C ASP C 244 19.93 51.72 -32.45
N ARG C 245 18.84 51.64 -31.71
CA ARG C 245 18.89 51.69 -30.25
C ARG C 245 18.33 50.43 -29.59
N THR C 246 19.20 49.66 -28.92
CA THR C 246 18.77 48.45 -28.21
C THR C 246 18.44 48.87 -26.78
N LEU C 247 17.18 48.70 -26.41
CA LEU C 247 16.70 49.12 -25.10
C LEU C 247 16.34 47.93 -24.22
N THR C 248 16.47 48.07 -22.92
CA THR C 248 16.20 47.00 -21.96
C THR C 248 15.00 47.37 -21.12
N SER C 249 14.13 46.39 -20.85
CA SER C 249 12.99 46.69 -20.01
C SER C 249 13.35 46.45 -18.55
N THR C 250 12.44 46.81 -17.64
CA THR C 250 12.58 46.53 -16.21
C THR C 250 12.31 44.99 -16.08
N PRO C 251 12.98 44.19 -15.21
CA PRO C 251 12.69 42.73 -15.22
C PRO C 251 11.25 42.38 -14.89
N HIS C 252 10.78 41.23 -15.40
CA HIS C 252 9.43 40.74 -15.16
C HIS C 252 9.50 39.24 -14.92
N SER C 253 8.47 38.71 -14.28
CA SER C 253 8.33 37.27 -14.05
C SER C 253 6.90 36.92 -14.39
N HIS C 254 6.48 35.65 -14.14
CA HIS C 254 5.10 35.25 -14.32
C HIS C 254 4.77 34.36 -13.13
N THR C 255 3.49 34.28 -12.77
CA THR C 255 3.05 33.39 -11.68
C THR C 255 2.66 32.07 -12.34
N PHE C 256 3.15 30.95 -11.79
CA PHE C 256 2.79 29.62 -12.27
C PHE C 256 1.62 29.14 -11.40
N THR C 257 0.53 28.65 -12.04
CA THR C 257 -0.63 28.08 -11.34
C THR C 257 -0.72 26.65 -11.86
N GLY C 258 -0.37 25.68 -11.01
CA GLY C 258 -0.42 24.28 -11.43
C GLY C 258 -1.82 23.70 -11.52
N ASN C 259 -1.96 22.65 -12.32
CA ASN C 259 -3.21 21.89 -12.42
C ASN C 259 -3.09 20.74 -11.42
N GLN C 260 -4.18 20.39 -10.75
CA GLN C 260 -4.18 19.23 -9.85
C GLN C 260 -3.89 17.95 -10.64
N GLN C 261 -3.12 17.02 -10.05
CA GLN C 261 -2.80 15.76 -10.68
C GLN C 261 -3.02 14.61 -9.68
N ASP C 262 -3.21 13.39 -10.19
CA ASP C 262 -3.45 12.21 -9.35
C ASP C 262 -2.12 11.68 -8.77
N ASN C 263 -2.00 11.70 -7.43
CA ASN C 263 -0.79 11.30 -6.73
C ASN C 263 -0.66 9.79 -6.51
N ARG C 264 -1.68 9.03 -6.92
CA ARG C 264 -1.68 7.59 -6.69
C ARG C 264 -1.03 6.77 -7.78
N ALA C 265 -0.23 5.80 -7.36
CA ALA C 265 0.37 4.80 -8.24
C ALA C 265 -0.77 3.75 -8.56
N PRO C 266 -0.61 2.83 -9.54
CA PRO C 266 -1.72 1.91 -9.87
C PRO C 266 -2.15 1.09 -8.67
N TYR C 267 -3.42 1.27 -8.31
CA TYR C 267 -4.01 0.70 -7.10
C TYR C 267 -5.10 -0.32 -7.39
N TYR C 268 -5.42 -1.12 -6.37
CA TYR C 268 -6.43 -2.18 -6.44
C TYR C 268 -7.12 -2.23 -5.09
N THR C 269 -8.45 -2.07 -5.09
CA THR C 269 -9.24 -2.02 -3.90
C THR C 269 -9.48 -3.43 -3.29
N LEU C 270 -9.06 -3.61 -2.03
CA LEU C 270 -9.35 -4.81 -1.24
C LEU C 270 -9.82 -4.33 0.11
N ALA C 271 -10.63 -5.13 0.80
CA ALA C 271 -11.05 -4.68 2.13
C ALA C 271 -10.04 -5.16 3.19
N TYR C 272 -9.81 -4.32 4.21
CA TYR C 272 -9.04 -4.65 5.39
C TYR C 272 -10.03 -5.03 6.46
N ILE C 273 -9.94 -6.28 6.91
CA ILE C 273 -10.84 -6.77 7.96
C ILE C 273 -10.00 -7.27 9.16
N ILE C 274 -10.62 -7.41 10.31
CA ILE C 274 -9.88 -7.87 11.49
C ILE C 274 -10.74 -8.75 12.37
N TYR C 275 -10.12 -9.71 13.03
CA TYR C 275 -10.85 -10.58 13.92
C TYR C 275 -10.94 -9.92 15.31
N ILE C 276 -12.15 -9.79 15.82
CA ILE C 276 -12.43 -9.17 17.12
C ILE C 276 -12.64 -10.23 18.21
N GLY C 277 -13.49 -11.21 17.90
CA GLY C 277 -13.87 -12.28 18.83
C GLY C 277 -15.34 -12.69 18.57
#